data_2VWB
#
_entry.id   2VWB
#
_cell.length_a   147.418
_cell.length_b   148.948
_cell.length_c   65.118
_cell.angle_alpha   90.00
_cell.angle_beta   90.00
_cell.angle_gamma   90.00
#
_symmetry.space_group_name_H-M   'P 21 21 2'
#
loop_
_entity.id
_entity.type
_entity.pdbx_description
1 polymer 'PUTATIVE O-SIALOGLYCOPROTEIN ENDOPEPTIDASE'
2 non-polymer 'PHOSPHOAMINOPHOSPHONIC ACID-ADENYLATE ESTER'
#
_entity_poly.entity_id   1
_entity_poly.type   'polypeptide(L)'
_entity_poly.pdbx_seq_one_letter_code
;MICLGLEGTAEKTGVGIVTSDGEVLFNKTIMYKPPKQGINPREAADHHAETFPKLIKEAFEVVDKNEIDLIAFSQGPGLG
PSLRVTATVARTLSLTLKKPIIGVNHCIAHIEIGKLTTEAEDPLTLYVSGGNTQVIAYVSKKYRVFGETLDIAVGNCLDQ
FARYVNLPHPGGPYIEELARKGKKLVDLPYTVKGMDIAFSGLLTAAMRAYDAGERLEDICYSLQEYAFSMLTEITERALA
HTNKGEVMLVGGVAANNRLREMLKAMCEGQNVDFYVPPKEFCGDNGAMIAWLGLLMHKNGRWMSLDETKIIPNYRTDMVE
VNWIKEIKGKKRKIPEHLIGKGAEADIKRDSYLDFDVIIKERVKKGYRDERLDENIRKSRTAREARYLALVKDFGIPAPY
IFDVDLDNKRIMMSYINGKLAKDVIEDNLDIAYKIGEIVGKLHKNDVIHNDLTTSNFIFDKDLYIIDFGLGKISNLDEDK
AVDLIVFKKAVLSTHHEKFDEIWERFLEGYKSVYDRWEIILELMKDVERRARYVE
;
_entity_poly.pdbx_strand_id   A,B
#
# COMPACT_ATOMS: atom_id res chain seq x y z
N MET A 1 -34.85 1.34 21.43
CA MET A 1 -35.45 1.59 20.09
C MET A 1 -34.88 0.63 19.04
N ILE A 2 -35.78 0.00 18.26
CA ILE A 2 -35.40 -0.95 17.19
C ILE A 2 -36.41 -0.91 16.00
N CYS A 3 -35.90 -0.96 14.76
CA CYS A 3 -36.68 -0.58 13.55
C CYS A 3 -36.68 -1.58 12.39
N LEU A 4 -37.74 -1.57 11.58
CA LEU A 4 -37.83 -2.42 10.40
C LEU A 4 -37.78 -1.58 9.14
N GLY A 5 -37.01 -2.06 8.17
CA GLY A 5 -36.82 -1.33 6.91
C GLY A 5 -37.28 -2.06 5.68
N LEU A 6 -37.91 -1.32 4.77
CA LEU A 6 -38.40 -1.89 3.52
C LEU A 6 -37.69 -1.25 2.35
N GLU A 7 -37.03 -2.09 1.55
CA GLU A 7 -36.27 -1.65 0.38
C GLU A 7 -36.81 -2.34 -0.87
N GLY A 8 -37.08 -1.53 -1.90
CA GLY A 8 -37.49 -2.02 -3.21
C GLY A 8 -37.68 -0.87 -4.16
N THR A 9 -36.58 -0.41 -4.76
CA THR A 9 -36.63 0.74 -5.66
C THR A 9 -36.41 0.36 -7.13
N ALA A 10 -36.13 -0.92 -7.37
CA ALA A 10 -35.97 -1.44 -8.72
C ALA A 10 -36.33 -2.94 -8.79
N GLU A 11 -35.30 -3.78 -8.90
CA GLU A 11 -35.48 -5.20 -9.11
C GLU A 11 -35.60 -5.91 -7.77
N LYS A 12 -34.54 -5.80 -6.96
CA LYS A 12 -34.53 -6.41 -5.63
C LYS A 12 -35.63 -5.85 -4.73
N THR A 13 -36.08 -6.69 -3.80
CA THR A 13 -36.94 -6.22 -2.73
C THR A 13 -36.35 -6.83 -1.47
N GLY A 14 -36.05 -5.99 -0.49
CA GLY A 14 -35.44 -6.46 0.75
C GLY A 14 -36.05 -5.80 1.96
N VAL A 15 -35.93 -6.47 3.10
CA VAL A 15 -36.37 -5.94 4.38
C VAL A 15 -35.34 -6.31 5.43
N GLY A 16 -35.22 -5.49 6.47
CA GLY A 16 -34.27 -5.76 7.52
C GLY A 16 -34.68 -5.12 8.82
N ILE A 17 -33.98 -5.50 9.89
CA ILE A 17 -34.24 -4.96 11.22
C ILE A 17 -32.92 -4.65 11.89
N VAL A 18 -32.79 -3.43 12.40
CA VAL A 18 -31.58 -3.05 13.14
C VAL A 18 -31.88 -2.41 14.49
N THR A 19 -31.00 -2.66 15.46
CA THR A 19 -31.07 -2.03 16.79
C THR A 19 -30.51 -0.62 16.70
N SER A 20 -30.81 0.19 17.72
CA SER A 20 -30.14 1.46 17.93
C SER A 20 -28.65 1.21 18.17
N ASP A 21 -28.31 0.03 18.68
CA ASP A 21 -26.92 -0.40 18.94
C ASP A 21 -26.12 -0.56 17.65
N GLY A 22 -26.83 -0.59 16.52
CA GLY A 22 -26.24 -0.92 15.23
C GLY A 22 -26.06 -2.42 15.09
N GLU A 23 -27.05 -3.18 15.54
CA GLU A 23 -26.99 -4.62 15.43
C GLU A 23 -28.04 -5.11 14.43
N VAL A 24 -27.58 -5.81 13.39
CA VAL A 24 -28.48 -6.30 12.35
C VAL A 24 -29.17 -7.59 12.80
N LEU A 25 -30.35 -7.44 13.41
CA LEU A 25 -31.11 -8.60 13.94
C LEU A 25 -31.61 -9.53 12.84
N PHE A 26 -31.85 -8.95 11.66
CA PHE A 26 -32.30 -9.68 10.48
C PHE A 26 -32.08 -8.81 9.24
N ASN A 27 -31.61 -9.42 8.14
CA ASN A 27 -31.52 -8.72 6.86
C ASN A 27 -31.57 -9.68 5.68
N LYS A 28 -32.61 -9.58 4.86
CA LYS A 28 -32.80 -10.48 3.72
C LYS A 28 -33.27 -9.74 2.47
N THR A 29 -32.93 -10.30 1.32
CA THR A 29 -33.10 -9.64 0.05
C THR A 29 -33.09 -10.68 -1.05
N ILE A 30 -34.21 -10.80 -1.78
CA ILE A 30 -34.29 -11.74 -2.91
C ILE A 30 -34.72 -11.05 -4.21
N MET A 31 -34.14 -11.50 -5.32
CA MET A 31 -34.41 -10.92 -6.64
C MET A 31 -35.70 -11.45 -7.25
N GLU A 43 -44.91 -3.90 -13.22
CA GLU A 43 -43.76 -4.46 -13.93
C GLU A 43 -43.02 -5.43 -13.00
N ALA A 44 -41.85 -5.01 -12.52
CA ALA A 44 -41.18 -5.70 -11.42
C ALA A 44 -41.76 -5.17 -10.11
N ALA A 45 -42.57 -4.11 -10.23
CA ALA A 45 -43.37 -3.55 -9.13
C ALA A 45 -44.45 -4.52 -8.61
N ASP A 46 -44.95 -5.39 -9.49
CA ASP A 46 -45.81 -6.52 -9.09
C ASP A 46 -44.99 -7.54 -8.30
N HIS A 47 -43.77 -7.77 -8.75
CA HIS A 47 -42.84 -8.73 -8.15
C HIS A 47 -42.43 -8.30 -6.74
N HIS A 48 -42.70 -7.03 -6.42
CA HIS A 48 -42.44 -6.47 -5.09
C HIS A 48 -43.55 -6.82 -4.08
N ALA A 49 -44.77 -6.37 -4.34
CA ALA A 49 -45.92 -6.68 -3.48
C ALA A 49 -46.19 -8.19 -3.45
N GLU A 50 -45.68 -8.89 -4.45
CA GLU A 50 -45.72 -10.35 -4.57
C GLU A 50 -45.06 -11.06 -3.37
N THR A 51 -43.83 -10.63 -3.07
CA THR A 51 -42.98 -11.30 -2.06
C THR A 51 -42.68 -10.45 -0.82
N PHE A 52 -43.07 -9.17 -0.83
CA PHE A 52 -42.89 -8.32 0.35
C PHE A 52 -43.45 -8.99 1.59
N PRO A 53 -44.73 -9.42 1.55
CA PRO A 53 -45.34 -10.04 2.74
C PRO A 53 -44.73 -11.41 3.10
N LYS A 54 -44.14 -12.09 2.12
CA LYS A 54 -43.43 -13.33 2.34
C LYS A 54 -42.20 -13.11 3.26
N LEU A 55 -41.46 -12.02 2.99
CA LEU A 55 -40.28 -11.62 3.77
C LEU A 55 -40.59 -11.11 5.16
N ILE A 56 -41.60 -10.24 5.24
CA ILE A 56 -42.09 -9.67 6.50
C ILE A 56 -42.40 -10.78 7.53
N LYS A 57 -43.02 -11.87 7.07
CA LYS A 57 -43.26 -13.09 7.86
C LYS A 57 -41.96 -13.71 8.38
N GLU A 58 -41.04 -14.00 7.46
CA GLU A 58 -39.74 -14.60 7.77
C GLU A 58 -38.95 -13.78 8.80
N ALA A 59 -39.04 -12.46 8.67
CA ALA A 59 -38.44 -11.53 9.63
C ALA A 59 -39.09 -11.69 10.98
N PHE A 60 -40.43 -11.71 10.97
CA PHE A 60 -41.22 -11.74 12.16
C PHE A 60 -41.07 -13.02 12.97
N GLU A 61 -40.53 -14.07 12.35
CA GLU A 61 -40.13 -15.28 13.08
C GLU A 61 -38.95 -14.99 14.01
N VAL A 62 -37.91 -14.37 13.46
CA VAL A 62 -36.67 -14.11 14.20
C VAL A 62 -36.79 -12.91 15.17
N VAL A 63 -37.60 -11.91 14.80
CA VAL A 63 -37.94 -10.82 15.71
C VAL A 63 -39.46 -10.64 15.70
N ASP A 64 -40.03 -10.29 16.84
CA ASP A 64 -41.50 -10.19 16.96
C ASP A 64 -42.08 -8.83 16.59
N LYS A 65 -43.32 -8.86 16.12
CA LYS A 65 -44.02 -7.69 15.60
C LYS A 65 -44.14 -6.53 16.59
N ASN A 66 -44.54 -6.83 17.83
CA ASN A 66 -44.91 -5.77 18.80
C ASN A 66 -43.73 -4.96 19.40
N GLU A 67 -42.49 -5.39 19.10
CA GLU A 67 -41.29 -4.71 19.61
C GLU A 67 -40.58 -3.81 18.60
N ILE A 68 -41.12 -3.77 17.38
CA ILE A 68 -40.71 -2.80 16.39
C ILE A 68 -41.31 -1.43 16.73
N ASP A 69 -40.45 -0.43 16.81
CA ASP A 69 -40.87 0.91 17.17
C ASP A 69 -41.01 1.84 15.96
N LEU A 70 -40.23 1.60 14.90
CA LEU A 70 -40.32 2.37 13.66
C LEU A 70 -40.50 1.49 12.45
N ILE A 71 -41.16 2.03 11.44
CA ILE A 71 -41.01 1.53 10.08
C ILE A 71 -40.26 2.58 9.29
N ALA A 72 -39.24 2.16 8.55
CA ALA A 72 -38.58 3.05 7.61
C ALA A 72 -38.66 2.41 6.25
N PHE A 73 -38.71 3.24 5.22
CA PHE A 73 -38.80 2.76 3.86
C PHE A 73 -38.02 3.65 2.90
N SER A 74 -37.59 3.07 1.79
CA SER A 74 -36.80 3.79 0.78
C SER A 74 -37.66 4.75 -0.04
N GLN A 75 -37.58 6.03 0.28
CA GLN A 75 -38.42 7.02 -0.35
C GLN A 75 -37.92 7.51 -1.73
N GLY A 76 -36.63 7.34 -1.98
CA GLY A 76 -36.04 7.72 -3.26
C GLY A 76 -34.54 7.83 -3.10
N PRO A 77 -33.81 8.11 -4.20
CA PRO A 77 -34.32 8.23 -5.54
C PRO A 77 -34.66 6.84 -6.07
N GLY A 78 -35.46 6.76 -7.14
CA GLY A 78 -35.86 5.46 -7.66
C GLY A 78 -36.77 5.41 -8.87
N LEU A 79 -37.03 4.18 -9.30
CA LEU A 79 -37.92 3.89 -10.41
C LEU A 79 -39.37 4.20 -10.05
N GLY A 80 -39.96 5.17 -10.75
CA GLY A 80 -41.33 5.65 -10.46
C GLY A 80 -42.35 4.67 -9.86
N PRO A 81 -43.05 3.89 -10.72
CA PRO A 81 -44.03 2.84 -10.32
C PRO A 81 -43.59 1.92 -9.16
N SER A 82 -42.46 1.23 -9.29
CA SER A 82 -41.95 0.32 -8.25
C SER A 82 -41.69 0.92 -6.84
N LEU A 83 -41.58 2.25 -6.77
CA LEU A 83 -41.43 2.94 -5.49
C LEU A 83 -42.78 3.09 -4.82
N ARG A 84 -43.82 3.32 -5.63
CA ARG A 84 -45.19 3.46 -5.16
C ARG A 84 -45.62 2.24 -4.34
N VAL A 85 -45.18 1.06 -4.78
CA VAL A 85 -45.52 -0.23 -4.17
C VAL A 85 -44.89 -0.41 -2.80
N THR A 86 -43.57 -0.23 -2.75
CA THR A 86 -42.81 -0.38 -1.52
C THR A 86 -43.38 0.58 -0.46
N ALA A 87 -43.65 1.81 -0.87
CA ALA A 87 -44.21 2.82 0.03
C ALA A 87 -45.58 2.40 0.56
N THR A 88 -46.40 1.85 -0.32
CA THR A 88 -47.70 1.34 0.05
C THR A 88 -47.56 0.26 1.13
N VAL A 89 -46.68 -0.71 0.89
CA VAL A 89 -46.46 -1.81 1.83
C VAL A 89 -46.06 -1.33 3.23
N ALA A 90 -45.21 -0.31 3.29
CA ALA A 90 -44.69 0.23 4.55
C ALA A 90 -45.69 1.15 5.22
N ARG A 91 -46.41 1.93 4.41
CA ARG A 91 -47.44 2.83 4.89
C ARG A 91 -48.50 2.00 5.63
N THR A 92 -48.95 0.92 4.98
CA THR A 92 -49.88 -0.07 5.52
C THR A 92 -49.43 -0.62 6.88
N LEU A 93 -48.20 -1.14 6.90
CA LEU A 93 -47.70 -1.87 8.06
C LEU A 93 -47.41 -1.00 9.29
N SER A 94 -47.27 0.31 9.07
CA SER A 94 -46.99 1.27 10.14
C SER A 94 -48.23 1.46 11.01
N LEU A 95 -49.38 1.56 10.34
CA LEU A 95 -50.68 1.69 10.97
C LEU A 95 -51.14 0.39 11.60
N THR A 96 -50.90 -0.71 10.88
CA THR A 96 -51.20 -2.07 11.35
C THR A 96 -50.33 -2.43 12.55
N LEU A 97 -49.64 -1.44 13.12
CA LEU A 97 -48.85 -1.61 14.34
C LEU A 97 -48.99 -0.41 15.27
N LYS A 98 -49.69 0.63 14.77
CA LYS A 98 -49.88 1.91 15.47
C LYS A 98 -48.54 2.57 15.80
N LYS A 99 -47.56 2.36 14.92
CA LYS A 99 -46.19 2.83 15.15
C LYS A 99 -45.75 3.81 14.05
N PRO A 100 -44.84 4.76 14.40
CA PRO A 100 -44.32 5.79 13.49
C PRO A 100 -43.65 5.29 12.21
N ILE A 101 -43.68 6.12 11.17
CA ILE A 101 -43.07 5.81 9.88
C ILE A 101 -42.26 7.01 9.38
N ILE A 102 -41.01 6.77 8.98
CA ILE A 102 -40.23 7.80 8.28
C ILE A 102 -39.60 7.35 6.96
N GLY A 103 -39.53 8.31 6.04
CA GLY A 103 -38.96 8.10 4.70
C GLY A 103 -37.46 8.37 4.67
N VAL A 104 -36.77 7.68 3.78
CA VAL A 104 -35.32 7.63 3.81
C VAL A 104 -34.78 7.86 2.41
N ASN A 105 -33.65 8.55 2.32
CA ASN A 105 -32.93 8.71 1.05
C ASN A 105 -32.13 7.46 0.76
N HIS A 106 -32.33 6.93 -0.43
CA HIS A 106 -31.70 5.69 -0.78
C HIS A 106 -30.18 5.78 -0.67
N CYS A 107 -29.62 6.82 -1.29
CA CYS A 107 -28.20 6.97 -1.43
C CYS A 107 -27.50 7.17 -0.09
N ILE A 108 -28.06 8.05 0.74
CA ILE A 108 -27.52 8.31 2.08
C ILE A 108 -27.53 7.03 2.90
N ALA A 109 -28.59 6.23 2.74
CA ALA A 109 -28.64 4.94 3.40
C ALA A 109 -27.40 4.12 3.03
N HIS A 110 -27.07 4.04 1.74
CA HIS A 110 -25.89 3.33 1.31
C HIS A 110 -24.73 3.85 2.09
N ILE A 111 -24.47 5.15 2.01
CA ILE A 111 -23.25 5.70 2.62
C ILE A 111 -23.22 5.47 4.12
N GLU A 112 -24.41 5.46 4.72
CA GLU A 112 -24.52 5.35 6.16
C GLU A 112 -24.25 3.96 6.67
N ILE A 113 -24.83 2.95 6.03
CA ILE A 113 -24.58 1.56 6.46
C ILE A 113 -23.13 1.16 6.22
N GLY A 114 -22.49 1.84 5.27
CA GLY A 114 -21.05 1.74 5.08
C GLY A 114 -20.38 2.15 6.37
N LYS A 115 -20.52 3.42 6.75
CA LYS A 115 -19.99 3.94 8.01
C LYS A 115 -20.09 2.92 9.18
N LEU A 116 -21.27 2.33 9.37
CA LEU A 116 -21.50 1.38 10.47
C LEU A 116 -20.66 0.12 10.35
N THR A 117 -20.58 -0.44 9.15
CA THR A 117 -19.96 -1.73 9.00
C THR A 117 -18.57 -1.76 8.39
N THR A 118 -17.85 -0.63 8.41
CA THR A 118 -16.41 -0.62 8.04
C THR A 118 -15.53 0.16 9.01
N GLU A 119 -16.15 0.88 9.94
CA GLU A 119 -15.40 1.81 10.78
C GLU A 119 -14.54 2.70 9.86
N ALA A 120 -15.21 3.25 8.85
CA ALA A 120 -14.83 4.51 8.25
C ALA A 120 -15.66 5.49 9.05
N GLU A 121 -15.25 6.74 9.12
CA GLU A 121 -16.06 7.66 9.88
C GLU A 121 -16.64 8.79 9.08
N ASP A 122 -16.01 9.14 7.96
CA ASP A 122 -16.55 10.20 7.09
C ASP A 122 -15.92 10.26 5.70
N PRO A 123 -16.45 9.46 4.74
CA PRO A 123 -15.80 9.33 3.44
C PRO A 123 -16.29 10.24 2.34
N LEU A 124 -15.47 10.36 1.30
CA LEU A 124 -15.87 10.80 -0.02
C LEU A 124 -16.27 9.48 -0.65
N THR A 125 -17.57 9.28 -0.86
CA THR A 125 -18.04 7.98 -1.33
C THR A 125 -18.55 7.91 -2.77
N LEU A 126 -18.12 6.86 -3.45
CA LEU A 126 -18.50 6.57 -4.82
C LEU A 126 -19.63 5.56 -4.75
N TYR A 127 -20.78 5.94 -5.26
CA TYR A 127 -21.93 5.05 -5.19
C TYR A 127 -22.24 4.62 -6.61
N VAL A 128 -21.99 3.34 -6.87
CA VAL A 128 -22.21 2.79 -8.18
C VAL A 128 -23.05 1.55 -8.17
N SER A 129 -24.03 1.53 -9.08
CA SER A 129 -24.95 0.44 -9.23
C SER A 129 -25.62 0.46 -10.60
N GLY A 130 -26.73 -0.26 -10.71
CA GLY A 130 -27.50 -0.33 -11.95
C GLY A 130 -28.15 0.99 -12.31
N GLY A 131 -28.69 1.66 -11.29
CA GLY A 131 -29.41 2.92 -11.50
C GLY A 131 -28.77 4.18 -10.95
N ASN A 132 -27.60 4.06 -10.34
CA ASN A 132 -26.93 5.25 -9.83
C ASN A 132 -25.43 5.27 -10.06
N THR A 133 -24.88 6.47 -10.24
CA THR A 133 -23.44 6.66 -10.32
C THR A 133 -23.12 8.04 -9.80
N GLN A 134 -22.82 8.13 -8.51
CA GLN A 134 -22.62 9.42 -7.85
C GLN A 134 -21.40 9.38 -6.97
N VAL A 135 -20.72 10.52 -6.86
CA VAL A 135 -19.75 10.70 -5.79
C VAL A 135 -20.30 11.73 -4.81
N ILE A 136 -20.41 11.32 -3.55
CA ILE A 136 -21.07 12.15 -2.57
C ILE A 136 -20.24 12.18 -1.31
N ALA A 137 -20.29 13.32 -0.63
CA ALA A 137 -19.47 13.62 0.53
C ALA A 137 -20.24 14.55 1.43
N TYR A 138 -20.04 14.41 2.73
CA TYR A 138 -20.73 15.24 3.69
C TYR A 138 -20.00 16.57 3.87
N VAL A 139 -20.44 17.60 3.14
CA VAL A 139 -19.71 18.87 3.16
C VAL A 139 -20.63 20.04 3.50
N SER A 140 -20.21 20.84 4.47
CA SER A 140 -20.99 21.93 5.06
C SER A 140 -22.47 21.58 5.32
N LYS A 141 -22.67 20.67 6.28
CA LYS A 141 -23.99 20.36 6.87
C LYS A 141 -24.88 19.39 6.07
N LYS A 142 -24.69 19.31 4.76
CA LYS A 142 -25.51 18.42 3.94
C LYS A 142 -24.70 17.38 3.18
N TYR A 143 -25.34 16.26 2.81
CA TYR A 143 -24.74 15.27 1.92
C TYR A 143 -24.77 15.72 0.46
N ARG A 144 -23.63 16.21 -0.01
CA ARG A 144 -23.52 16.93 -1.26
C ARG A 144 -22.95 16.07 -2.41
N VAL A 145 -23.46 16.26 -3.64
CA VAL A 145 -22.99 15.48 -4.83
C VAL A 145 -21.87 16.18 -5.61
N PHE A 146 -20.80 15.46 -5.92
CA PHE A 146 -19.61 16.08 -6.51
C PHE A 146 -19.46 15.85 -8.00
N GLY A 147 -19.54 14.59 -8.41
CA GLY A 147 -19.55 14.22 -9.81
C GLY A 147 -20.56 13.12 -9.94
N GLU A 148 -21.10 12.96 -11.14
CA GLU A 148 -22.12 11.97 -11.41
C GLU A 148 -22.25 11.64 -12.90
N THR A 149 -23.01 10.60 -13.21
CA THR A 149 -23.29 10.24 -14.58
C THR A 149 -24.25 11.28 -15.18
N LEU A 150 -24.04 11.68 -16.43
CA LEU A 150 -24.97 12.61 -17.06
C LEU A 150 -26.04 11.88 -17.82
N ASP A 151 -25.85 10.58 -18.05
CA ASP A 151 -26.87 9.78 -18.74
C ASP A 151 -27.26 8.53 -17.99
N ILE A 152 -26.39 7.52 -17.95
CA ILE A 152 -26.75 6.21 -17.38
C ILE A 152 -25.70 5.67 -16.45
N ALA A 153 -26.13 4.95 -15.41
CA ALA A 153 -25.20 4.39 -14.41
C ALA A 153 -24.29 3.28 -14.96
N VAL A 154 -23.06 3.16 -14.45
CA VAL A 154 -22.16 2.10 -14.90
C VAL A 154 -22.88 0.76 -14.88
N GLY A 155 -23.65 0.52 -13.82
CA GLY A 155 -24.41 -0.72 -13.69
C GLY A 155 -25.26 -0.97 -14.94
N ASN A 156 -25.95 0.08 -15.38
CA ASN A 156 -26.77 0.01 -16.57
C ASN A 156 -25.95 -0.20 -17.84
N CYS A 157 -24.97 0.68 -18.06
CA CYS A 157 -24.09 0.56 -19.22
C CYS A 157 -23.62 -0.89 -19.38
N LEU A 158 -23.15 -1.47 -18.27
CA LEU A 158 -22.71 -2.86 -18.20
C LEU A 158 -23.78 -3.88 -18.58
N ASP A 159 -24.89 -3.87 -17.85
CA ASP A 159 -26.01 -4.74 -18.15
C ASP A 159 -26.42 -4.62 -19.63
N GLN A 160 -26.66 -3.38 -20.10
CA GLN A 160 -27.05 -3.14 -21.48
C GLN A 160 -26.07 -3.77 -22.46
N PHE A 161 -24.79 -3.74 -22.15
CA PHE A 161 -23.84 -4.37 -23.01
C PHE A 161 -23.98 -5.87 -22.88
N ALA A 162 -24.03 -6.36 -21.64
CA ALA A 162 -24.23 -7.80 -21.39
C ALA A 162 -25.34 -8.44 -22.22
N ARG A 163 -26.55 -7.87 -22.17
CA ARG A 163 -27.72 -8.32 -22.96
C ARG A 163 -27.47 -8.39 -24.47
N TYR A 164 -26.91 -7.31 -25.01
CA TYR A 164 -26.63 -7.19 -26.44
C TYR A 164 -25.67 -8.30 -26.90
N VAL A 165 -24.68 -8.57 -26.06
CA VAL A 165 -23.67 -9.59 -26.31
C VAL A 165 -24.19 -10.94 -25.88
N ASN A 166 -25.47 -10.99 -25.49
CA ASN A 166 -26.10 -12.20 -24.95
C ASN A 166 -25.26 -12.87 -23.83
N LEU A 167 -25.24 -12.20 -22.69
CA LEU A 167 -24.75 -12.81 -21.46
C LEU A 167 -25.88 -12.79 -20.46
N PRO A 168 -25.83 -13.68 -19.46
CA PRO A 168 -26.93 -13.70 -18.50
C PRO A 168 -27.10 -12.37 -17.76
N HIS A 169 -28.30 -12.14 -17.22
CA HIS A 169 -28.62 -10.84 -16.63
C HIS A 169 -28.81 -10.74 -15.11
N PRO A 170 -27.71 -10.57 -14.40
CA PRO A 170 -27.24 -9.34 -13.80
C PRO A 170 -25.83 -9.24 -14.44
N GLY A 171 -25.73 -8.54 -15.56
CA GLY A 171 -24.55 -8.65 -16.44
C GLY A 171 -23.17 -8.41 -15.86
N GLY A 172 -23.11 -7.90 -14.64
CA GLY A 172 -21.87 -7.44 -14.02
C GLY A 172 -20.78 -8.48 -13.89
N PRO A 173 -21.05 -9.56 -13.12
CA PRO A 173 -20.10 -10.66 -12.93
C PRO A 173 -19.57 -11.29 -14.22
N TYR A 174 -20.45 -11.53 -15.20
CA TYR A 174 -20.05 -12.11 -16.49
C TYR A 174 -19.08 -11.26 -17.32
N ILE A 175 -19.30 -9.95 -17.35
CA ILE A 175 -18.40 -9.07 -18.10
C ILE A 175 -17.02 -9.07 -17.46
N GLU A 176 -16.98 -9.26 -16.14
CA GLU A 176 -15.72 -9.12 -15.42
C GLU A 176 -14.91 -10.38 -15.54
N GLU A 177 -15.60 -11.52 -15.52
CA GLU A 177 -15.01 -12.82 -15.84
C GLU A 177 -14.28 -12.73 -17.15
N LEU A 178 -15.05 -12.69 -18.24
CA LEU A 178 -14.52 -12.62 -19.60
C LEU A 178 -13.40 -11.60 -19.72
N ALA A 179 -13.46 -10.53 -18.92
CA ALA A 179 -12.47 -9.47 -18.95
C ALA A 179 -11.08 -9.91 -18.50
N ARG A 180 -11.01 -10.91 -17.63
CA ARG A 180 -9.73 -11.40 -17.10
C ARG A 180 -8.93 -12.15 -18.15
N LYS A 181 -9.59 -12.58 -19.23
CA LYS A 181 -8.93 -13.24 -20.36
C LYS A 181 -8.45 -12.29 -21.46
N GLY A 182 -8.77 -10.99 -21.34
CA GLY A 182 -8.62 -10.03 -22.44
C GLY A 182 -7.23 -9.52 -22.71
N LYS A 183 -6.80 -9.55 -23.97
CA LYS A 183 -5.44 -9.12 -24.32
C LYS A 183 -5.40 -7.75 -24.97
N LYS A 184 -6.24 -7.52 -25.97
CA LYS A 184 -6.17 -6.24 -26.69
C LYS A 184 -6.98 -5.19 -25.94
N LEU A 185 -6.43 -3.99 -25.82
CA LEU A 185 -7.18 -2.84 -25.30
C LEU A 185 -7.75 -2.05 -26.46
N VAL A 186 -9.04 -2.21 -26.73
CA VAL A 186 -9.63 -1.58 -27.91
C VAL A 186 -9.96 -0.11 -27.69
N ASP A 187 -9.94 0.65 -28.80
CA ASP A 187 -10.29 2.06 -28.80
C ASP A 187 -11.74 2.34 -28.47
N LEU A 188 -11.96 2.93 -27.29
CA LEU A 188 -13.29 3.41 -26.87
C LEU A 188 -13.18 4.89 -26.43
N PRO A 189 -14.27 5.67 -26.57
CA PRO A 189 -14.24 7.02 -26.00
C PRO A 189 -14.03 7.03 -24.46
N TYR A 190 -13.20 7.95 -23.99
CA TYR A 190 -13.10 8.30 -22.57
C TYR A 190 -13.78 9.65 -22.48
N THR A 191 -14.98 9.72 -21.92
CA THR A 191 -15.64 11.02 -21.79
C THR A 191 -15.87 11.44 -20.34
N VAL A 192 -15.20 12.53 -19.96
CA VAL A 192 -15.29 13.15 -18.65
C VAL A 192 -15.62 14.60 -18.89
N LYS A 193 -16.77 15.04 -18.39
CA LYS A 193 -17.20 16.43 -18.55
C LYS A 193 -17.22 17.17 -17.19
N GLY A 194 -16.04 17.73 -16.89
CA GLY A 194 -15.78 18.46 -15.66
C GLY A 194 -15.55 17.51 -14.52
N MET A 195 -16.63 17.28 -13.77
CA MET A 195 -16.61 16.44 -12.61
C MET A 195 -17.54 15.28 -12.87
N ASP A 196 -18.38 15.39 -13.89
CA ASP A 196 -19.30 14.33 -14.28
C ASP A 196 -18.71 13.39 -15.36
N ILE A 197 -19.37 12.25 -15.61
CA ILE A 197 -19.04 11.38 -16.76
C ILE A 197 -20.28 11.04 -17.55
N ALA A 198 -20.10 10.60 -18.80
CA ALA A 198 -21.20 10.07 -19.61
C ALA A 198 -20.88 8.62 -19.94
N PHE A 199 -21.88 7.79 -20.20
CA PHE A 199 -21.57 6.42 -20.63
C PHE A 199 -22.15 6.03 -22.01
N SER A 200 -23.35 6.51 -22.30
CA SER A 200 -23.97 6.27 -23.61
C SER A 200 -22.96 6.02 -24.75
N GLY A 201 -22.04 6.94 -24.97
CA GLY A 201 -20.97 6.71 -25.93
C GLY A 201 -20.23 5.40 -25.73
N LEU A 202 -19.56 5.27 -24.58
CA LEU A 202 -18.85 4.05 -24.21
C LEU A 202 -19.66 2.83 -24.55
N LEU A 203 -20.93 2.86 -24.18
CA LEU A 203 -21.84 1.74 -24.41
C LEU A 203 -21.99 1.47 -25.89
N THR A 204 -22.43 2.48 -26.65
CA THR A 204 -22.68 2.27 -28.06
C THR A 204 -21.39 1.87 -28.77
N ALA A 205 -20.26 2.39 -28.31
CA ALA A 205 -18.98 2.12 -28.96
C ALA A 205 -18.46 0.71 -28.69
N ALA A 206 -18.86 0.15 -27.56
CA ALA A 206 -18.57 -1.26 -27.29
C ALA A 206 -19.44 -2.08 -28.24
N MET A 207 -20.74 -1.79 -28.25
CA MET A 207 -21.68 -2.43 -29.17
C MET A 207 -21.16 -2.49 -30.63
N ARG A 208 -20.63 -1.40 -31.17
CA ARG A 208 -20.22 -1.39 -32.58
C ARG A 208 -18.91 -2.15 -32.80
N ALA A 209 -18.12 -2.28 -31.73
CA ALA A 209 -16.82 -2.95 -31.79
C ALA A 209 -17.04 -4.44 -31.76
N TYR A 210 -17.96 -4.88 -30.92
CA TYR A 210 -18.48 -6.23 -30.98
C TYR A 210 -18.91 -6.57 -32.41
N ASP A 211 -19.77 -5.71 -32.96
CA ASP A 211 -20.20 -5.79 -34.35
C ASP A 211 -19.04 -5.88 -35.30
N ALA A 212 -18.00 -5.08 -35.09
CA ALA A 212 -16.82 -5.11 -35.95
C ALA A 212 -15.93 -6.34 -35.74
N GLY A 213 -16.39 -7.27 -34.91
CA GLY A 213 -15.70 -8.55 -34.69
C GLY A 213 -14.41 -8.55 -33.87
N GLU A 214 -14.21 -7.51 -33.06
CA GLU A 214 -13.23 -7.56 -31.99
C GLU A 214 -13.64 -8.75 -31.11
N ARG A 215 -12.69 -9.38 -30.45
CA ARG A 215 -13.07 -10.56 -29.66
C ARG A 215 -13.64 -10.23 -28.27
N LEU A 216 -14.69 -10.94 -27.88
CA LEU A 216 -15.45 -10.64 -26.67
C LEU A 216 -14.58 -10.32 -25.45
N GLU A 217 -13.61 -11.18 -25.16
CA GLU A 217 -12.66 -10.96 -24.04
C GLU A 217 -12.02 -9.59 -24.07
N ASP A 218 -11.56 -9.17 -25.25
CA ASP A 218 -10.96 -7.86 -25.42
C ASP A 218 -11.94 -6.70 -25.20
N ILE A 219 -13.12 -6.79 -25.81
CA ILE A 219 -14.14 -5.77 -25.56
C ILE A 219 -14.42 -5.61 -24.06
N CYS A 220 -14.84 -6.67 -23.37
CA CYS A 220 -15.08 -6.64 -21.91
C CYS A 220 -13.97 -5.96 -21.13
N TYR A 221 -12.75 -6.43 -21.29
CA TYR A 221 -11.58 -5.86 -20.61
C TYR A 221 -11.51 -4.33 -20.78
N SER A 222 -11.84 -3.90 -21.98
CA SER A 222 -11.69 -2.53 -22.35
C SER A 222 -12.84 -1.69 -21.85
N LEU A 223 -14.07 -2.19 -22.01
CA LEU A 223 -15.23 -1.51 -21.48
C LEU A 223 -15.04 -1.35 -19.98
N GLN A 224 -14.42 -2.34 -19.33
CA GLN A 224 -14.04 -2.22 -17.92
C GLN A 224 -13.02 -1.10 -17.73
N GLU A 225 -11.76 -1.37 -18.08
CA GLU A 225 -10.70 -0.39 -17.93
C GLU A 225 -11.19 1.00 -18.21
N TYR A 226 -12.00 1.20 -19.24
CA TYR A 226 -12.50 2.52 -19.53
C TYR A 226 -13.43 3.05 -18.45
N ALA A 227 -14.67 2.54 -18.45
CA ALA A 227 -15.61 2.84 -17.42
C ALA A 227 -14.94 3.07 -16.06
N PHE A 228 -14.23 2.08 -15.56
CA PHE A 228 -13.67 2.18 -14.21
C PHE A 228 -12.69 3.33 -14.05
N SER A 229 -11.81 3.52 -15.05
CA SER A 229 -10.87 4.64 -15.05
C SER A 229 -11.59 5.99 -14.91
N MET A 230 -12.60 6.18 -15.75
CA MET A 230 -13.48 7.35 -15.71
C MET A 230 -13.94 7.59 -14.28
N LEU A 231 -14.66 6.64 -13.71
CA LEU A 231 -15.07 6.70 -12.29
C LEU A 231 -13.93 7.06 -11.32
N THR A 232 -12.74 6.55 -11.58
CA THR A 232 -11.66 6.80 -10.62
C THR A 232 -11.14 8.23 -10.74
N GLU A 233 -11.06 8.74 -11.97
CA GLU A 233 -10.67 10.13 -12.22
C GLU A 233 -11.68 11.07 -11.60
N ILE A 234 -12.95 10.76 -11.85
CA ILE A 234 -14.07 11.51 -11.34
C ILE A 234 -14.05 11.47 -9.83
N THR A 235 -13.65 10.35 -9.24
CA THR A 235 -13.54 10.24 -7.81
C THR A 235 -12.37 11.03 -7.30
N GLU A 236 -11.20 10.78 -7.88
CA GLU A 236 -9.96 11.47 -7.52
C GLU A 236 -10.15 13.00 -7.60
N ARG A 237 -10.66 13.47 -8.74
CA ARG A 237 -10.91 14.89 -8.90
C ARG A 237 -11.69 15.36 -7.70
N ALA A 238 -12.84 14.73 -7.46
CA ALA A 238 -13.72 15.14 -6.38
C ALA A 238 -12.97 15.14 -5.07
N LEU A 239 -12.21 14.10 -4.80
CA LEU A 239 -11.45 14.05 -3.56
C LEU A 239 -10.75 15.38 -3.27
N ALA A 240 -10.01 15.90 -4.25
CA ALA A 240 -9.26 17.16 -4.09
C ALA A 240 -10.11 18.43 -3.89
N HIS A 241 -11.41 18.33 -4.04
CA HIS A 241 -12.24 19.45 -3.64
C HIS A 241 -12.73 19.11 -2.25
N THR A 242 -11.95 18.31 -1.54
CA THR A 242 -12.27 17.89 -0.19
C THR A 242 -10.99 17.71 0.58
N ASN A 243 -11.13 17.63 1.89
CA ASN A 243 -10.07 17.26 2.82
C ASN A 243 -10.37 15.91 3.46
N LYS A 244 -11.15 15.07 2.78
CA LYS A 244 -11.51 13.75 3.33
C LYS A 244 -10.29 12.86 3.29
N GLY A 245 -10.11 12.04 4.30
CA GLY A 245 -8.92 11.22 4.40
C GLY A 245 -9.20 9.80 3.98
N GLU A 246 -10.45 9.53 3.63
CA GLU A 246 -10.91 8.17 3.36
C GLU A 246 -11.96 8.08 2.24
N VAL A 247 -11.76 7.15 1.32
CA VAL A 247 -12.72 6.95 0.24
C VAL A 247 -13.50 5.68 0.49
N MET A 248 -14.80 5.72 0.23
CA MET A 248 -15.63 4.52 0.36
C MET A 248 -16.39 4.19 -0.93
N LEU A 249 -16.67 2.91 -1.16
CA LEU A 249 -17.25 2.45 -2.41
C LEU A 249 -18.45 1.57 -2.14
N VAL A 250 -19.64 2.07 -2.48
CA VAL A 250 -20.88 1.39 -2.15
C VAL A 250 -21.74 1.19 -3.38
N GLY A 251 -22.65 0.22 -3.29
CA GLY A 251 -23.51 -0.12 -4.41
C GLY A 251 -23.13 -1.45 -5.06
N GLY A 252 -24.09 -2.05 -5.73
CA GLY A 252 -23.92 -3.34 -6.38
C GLY A 252 -22.70 -3.48 -7.28
N VAL A 253 -22.23 -2.39 -7.87
CA VAL A 253 -21.08 -2.46 -8.78
C VAL A 253 -19.80 -2.59 -8.00
N ALA A 254 -19.89 -2.41 -6.68
CA ALA A 254 -18.73 -2.46 -5.79
C ALA A 254 -18.19 -3.88 -5.72
N ALA A 255 -19.04 -4.82 -6.15
CA ALA A 255 -18.69 -6.24 -6.14
C ALA A 255 -17.50 -6.52 -7.05
N ASN A 256 -17.28 -5.65 -8.01
CA ASN A 256 -16.21 -5.80 -8.97
C ASN A 256 -14.82 -5.73 -8.33
N ASN A 257 -14.03 -6.79 -8.44
CA ASN A 257 -12.67 -6.78 -7.92
C ASN A 257 -11.73 -5.82 -8.61
N ARG A 258 -11.91 -5.64 -9.91
CA ARG A 258 -11.02 -4.76 -10.68
C ARG A 258 -11.27 -3.29 -10.35
N LEU A 259 -12.53 -2.86 -10.35
CA LEU A 259 -12.85 -1.53 -9.87
C LEU A 259 -12.23 -1.27 -8.47
N ARG A 260 -12.50 -2.16 -7.51
CA ARG A 260 -11.87 -2.10 -6.19
C ARG A 260 -10.38 -1.91 -6.37
N GLU A 261 -9.77 -2.80 -7.15
CA GLU A 261 -8.34 -2.77 -7.43
C GLU A 261 -7.87 -1.38 -7.85
N MET A 262 -8.45 -0.83 -8.91
CA MET A 262 -8.06 0.50 -9.36
C MET A 262 -8.11 1.47 -8.20
N LEU A 263 -9.32 1.64 -7.67
CA LEU A 263 -9.58 2.62 -6.62
C LEU A 263 -8.55 2.58 -5.50
N LYS A 264 -8.22 1.40 -4.98
CA LYS A 264 -7.22 1.33 -3.92
C LYS A 264 -5.89 1.95 -4.36
N ALA A 265 -5.48 1.68 -5.60
CA ALA A 265 -4.22 2.17 -6.11
C ALA A 265 -4.19 3.70 -6.13
N MET A 266 -5.27 4.28 -6.64
CA MET A 266 -5.46 5.72 -6.64
C MET A 266 -5.40 6.23 -5.22
N CYS A 267 -6.12 5.55 -4.33
CA CYS A 267 -6.17 5.86 -2.90
C CYS A 267 -4.81 5.80 -2.22
N GLU A 268 -4.13 4.67 -2.38
CA GLU A 268 -2.77 4.48 -1.88
C GLU A 268 -1.90 5.65 -2.32
N GLY A 269 -1.96 5.98 -3.60
CA GLY A 269 -1.11 7.02 -4.16
C GLY A 269 -1.57 8.44 -3.84
N GLN A 270 -2.51 8.56 -2.91
CA GLN A 270 -3.00 9.87 -2.46
C GLN A 270 -3.11 9.87 -0.95
N ASN A 271 -2.55 8.84 -0.32
CA ASN A 271 -2.55 8.68 1.14
C ASN A 271 -3.93 8.87 1.74
N VAL A 272 -4.84 7.99 1.35
CA VAL A 272 -6.20 7.98 1.83
C VAL A 272 -6.63 6.52 1.91
N ASP A 273 -7.17 6.11 3.05
CA ASP A 273 -7.50 4.71 3.25
C ASP A 273 -8.87 4.42 2.66
N PHE A 274 -9.05 3.17 2.21
CA PHE A 274 -10.12 2.83 1.28
C PHE A 274 -11.05 1.79 1.90
N TYR A 275 -12.36 2.03 1.78
CA TYR A 275 -13.37 1.16 2.39
C TYR A 275 -14.41 0.64 1.42
N VAL A 276 -14.71 -0.65 1.54
CA VAL A 276 -15.87 -1.28 0.90
C VAL A 276 -16.58 -2.08 1.98
N PRO A 277 -17.91 -1.97 2.08
CA PRO A 277 -18.61 -2.73 3.12
C PRO A 277 -19.03 -4.13 2.68
N PRO A 278 -19.19 -5.08 3.63
CA PRO A 278 -19.60 -6.46 3.36
C PRO A 278 -20.75 -6.60 2.34
N LYS A 279 -20.70 -7.67 1.51
CA LYS A 279 -21.72 -7.98 0.48
C LYS A 279 -23.13 -7.65 0.95
N GLU A 280 -23.51 -8.20 2.10
CA GLU A 280 -24.82 -8.01 2.71
C GLU A 280 -25.32 -6.54 2.66
N PHE A 281 -24.43 -5.57 2.89
CA PHE A 281 -24.80 -4.15 2.93
C PHE A 281 -24.30 -3.33 1.75
N CYS A 282 -23.84 -4.00 0.70
CA CYS A 282 -23.17 -3.33 -0.40
C CYS A 282 -24.17 -3.01 -1.49
N GLY A 283 -25.02 -3.99 -1.80
CA GLY A 283 -26.11 -3.78 -2.74
C GLY A 283 -27.37 -3.42 -1.97
N ASP A 284 -28.51 -3.52 -2.65
CA ASP A 284 -29.81 -3.23 -2.04
C ASP A 284 -30.05 -4.11 -0.84
N ASN A 285 -30.68 -3.54 0.20
CA ASN A 285 -31.08 -4.29 1.40
C ASN A 285 -31.93 -3.45 2.35
N GLY A 286 -32.79 -4.11 3.10
CA GLY A 286 -33.66 -3.41 4.04
C GLY A 286 -32.92 -2.80 5.23
N ALA A 287 -31.73 -3.32 5.54
CA ALA A 287 -31.06 -2.95 6.77
C ALA A 287 -30.46 -1.54 6.73
N MET A 288 -30.08 -1.09 5.53
CA MET A 288 -29.55 0.26 5.35
C MET A 288 -30.69 1.24 5.51
N ILE A 289 -31.89 0.80 5.15
CA ILE A 289 -33.08 1.64 5.25
C ILE A 289 -33.49 1.73 6.70
N ALA A 290 -33.37 0.60 7.41
CA ALA A 290 -33.67 0.55 8.85
C ALA A 290 -32.78 1.52 9.62
N TRP A 291 -31.48 1.49 9.35
CA TRP A 291 -30.56 2.35 10.08
C TRP A 291 -30.80 3.85 9.88
N LEU A 292 -30.75 4.34 8.64
CA LEU A 292 -30.94 5.77 8.37
C LEU A 292 -32.27 6.27 8.94
N GLY A 293 -33.30 5.42 8.91
CA GLY A 293 -34.56 5.77 9.52
C GLY A 293 -34.26 5.97 10.99
N LEU A 294 -33.80 4.90 11.62
CA LEU A 294 -33.47 4.86 13.03
C LEU A 294 -32.55 6.01 13.46
N LEU A 295 -31.74 6.49 12.53
CA LEU A 295 -30.75 7.51 12.81
C LEU A 295 -31.40 8.88 12.78
N MET A 296 -32.24 9.11 11.78
CA MET A 296 -32.92 10.38 11.66
C MET A 296 -33.94 10.50 12.78
N HIS A 297 -34.59 9.39 13.12
CA HIS A 297 -35.62 9.40 14.12
C HIS A 297 -35.06 9.53 15.53
N LYS A 298 -34.03 8.75 15.85
CA LYS A 298 -33.34 8.79 17.16
C LYS A 298 -33.03 10.23 17.61
N ASN A 299 -32.88 11.12 16.63
CA ASN A 299 -32.42 12.46 16.89
C ASN A 299 -33.43 13.58 16.63
N GLY A 300 -34.70 13.21 16.54
CA GLY A 300 -35.76 14.22 16.50
C GLY A 300 -36.66 14.29 15.28
N ARG A 301 -36.46 13.42 14.29
CA ARG A 301 -37.35 13.44 13.13
C ARG A 301 -38.53 12.48 13.28
N TRP A 302 -39.73 13.05 13.18
CA TRP A 302 -40.98 12.29 13.02
C TRP A 302 -41.57 12.67 11.65
N MET A 303 -42.33 11.77 11.03
CA MET A 303 -42.93 12.06 9.72
C MET A 303 -44.43 11.76 9.64
N SER A 304 -45.20 12.71 9.13
CA SER A 304 -46.64 12.55 8.94
C SER A 304 -46.87 11.55 7.84
N LEU A 305 -47.95 10.79 7.97
CA LEU A 305 -48.40 9.95 6.88
C LEU A 305 -48.53 10.77 5.58
N ASP A 306 -48.88 12.05 5.68
CA ASP A 306 -48.92 12.87 4.46
C ASP A 306 -47.54 13.28 3.94
N GLU A 307 -46.52 13.16 4.79
CA GLU A 307 -45.18 13.60 4.44
C GLU A 307 -44.32 12.52 3.77
N THR A 308 -44.88 11.33 3.63
CA THR A 308 -44.14 10.25 2.99
C THR A 308 -44.50 10.06 1.51
N LYS A 309 -44.76 11.16 0.81
CA LYS A 309 -45.04 11.08 -0.61
C LYS A 309 -43.75 10.69 -1.33
N ILE A 310 -43.88 9.80 -2.31
CA ILE A 310 -42.76 9.29 -3.10
C ILE A 310 -42.09 10.39 -3.93
N ILE A 311 -40.75 10.40 -3.92
CA ILE A 311 -40.02 11.29 -4.82
C ILE A 311 -38.79 10.61 -5.47
N PRO A 312 -38.94 10.19 -6.75
CA PRO A 312 -37.89 9.45 -7.46
C PRO A 312 -36.68 10.30 -7.81
N ASN A 313 -36.80 11.62 -7.59
CA ASN A 313 -35.76 12.59 -7.92
C ASN A 313 -34.90 12.98 -6.72
N TYR A 314 -35.41 12.68 -5.52
CA TYR A 314 -34.68 12.78 -4.25
C TYR A 314 -33.15 12.97 -4.37
N ARG A 315 -32.70 14.22 -4.24
CA ARG A 315 -31.28 14.53 -4.12
C ARG A 315 -30.84 14.27 -2.69
N THR A 316 -29.55 14.25 -2.44
CA THR A 316 -29.07 14.01 -1.08
C THR A 316 -29.04 15.30 -0.27
N ASP A 317 -29.02 16.44 -0.96
CA ASP A 317 -29.13 17.74 -0.29
C ASP A 317 -30.54 18.02 0.22
N MET A 318 -31.55 17.50 -0.46
CA MET A 318 -32.94 17.59 -0.01
C MET A 318 -33.13 17.08 1.41
N VAL A 319 -32.11 16.45 1.99
CA VAL A 319 -32.26 15.88 3.34
C VAL A 319 -31.40 16.50 4.46
N GLU A 320 -32.11 16.98 5.47
CA GLU A 320 -31.59 17.67 6.65
C GLU A 320 -30.82 16.70 7.53
N VAL A 321 -29.50 16.71 7.40
CA VAL A 321 -28.65 15.80 8.15
C VAL A 321 -28.59 16.18 9.62
N ASN A 322 -29.23 15.38 10.46
CA ASN A 322 -29.31 15.68 11.89
C ASN A 322 -28.82 14.55 12.79
N TRP A 323 -28.00 13.67 12.23
CA TRP A 323 -27.48 12.55 12.99
C TRP A 323 -25.97 12.61 13.13
N ILE A 324 -25.36 13.63 12.54
CA ILE A 324 -23.93 13.86 12.72
C ILE A 324 -23.74 15.13 13.52
N LYS A 325 -22.89 15.04 14.54
CA LYS A 325 -22.51 16.16 15.38
C LYS A 325 -21.09 15.92 15.93
N GLU A 326 -20.67 14.65 15.84
CA GLU A 326 -19.37 14.16 16.31
C GLU A 326 -18.18 14.53 15.40
N ILE A 327 -16.98 14.32 15.96
CA ILE A 327 -15.65 14.44 15.29
C ILE A 327 -15.66 13.74 13.92
N LYS A 328 -15.38 14.50 12.87
CA LYS A 328 -15.44 13.94 11.52
C LYS A 328 -14.20 13.05 11.12
N GLY A 329 -13.80 12.14 12.00
CA GLY A 329 -12.82 11.08 11.67
C GLY A 329 -11.39 11.46 11.26
N LYS A 330 -10.97 11.00 10.08
CA LYS A 330 -9.60 11.25 9.61
C LYS A 330 -9.56 12.13 8.37
N LYS A 331 -8.98 13.32 8.52
CA LYS A 331 -8.98 14.32 7.47
C LYS A 331 -7.60 14.48 6.86
N ARG A 332 -7.57 15.04 5.66
CA ARG A 332 -6.32 15.37 4.96
C ARG A 332 -5.88 16.80 5.31
N LYS A 333 -4.60 17.10 5.12
CA LYS A 333 -4.15 18.47 5.28
C LYS A 333 -3.91 19.06 3.91
N ILE A 334 -4.44 20.25 3.68
CA ILE A 334 -4.30 20.92 2.41
C ILE A 334 -3.31 22.08 2.55
N PRO A 335 -2.04 21.87 2.13
CA PRO A 335 -1.00 22.85 2.29
C PRO A 335 -1.10 23.94 1.24
N GLU A 336 -0.04 24.72 1.03
CA GLU A 336 -0.10 25.76 0.03
C GLU A 336 0.39 25.23 -1.32
N HIS A 337 1.15 26.04 -2.05
CA HIS A 337 1.75 25.68 -3.35
C HIS A 337 2.38 24.30 -3.37
N LEU A 338 2.01 23.42 -2.44
CA LEU A 338 2.67 22.12 -2.31
C LEU A 338 2.32 21.14 -3.43
N ILE A 339 3.41 20.60 -3.99
CA ILE A 339 3.51 19.77 -5.20
C ILE A 339 2.33 18.84 -5.51
N GLY A 340 2.16 18.54 -6.80
CA GLY A 340 1.16 17.58 -7.27
C GLY A 340 1.47 16.15 -6.86
N LYS A 341 0.73 15.67 -5.86
CA LYS A 341 0.86 14.29 -5.41
C LYS A 341 0.12 13.34 -6.37
N GLY A 342 -1.10 13.72 -6.75
CA GLY A 342 -1.86 13.02 -7.79
C GLY A 342 -2.39 14.04 -8.78
N ALA A 343 -1.47 14.74 -9.44
CA ALA A 343 -1.84 15.81 -10.37
C ALA A 343 -1.75 15.34 -11.83
N GLU A 344 -2.54 15.95 -12.70
CA GLU A 344 -2.46 15.65 -14.13
C GLU A 344 -1.11 16.04 -14.68
N ALA A 345 -0.69 17.27 -14.40
CA ALA A 345 0.45 17.88 -15.07
C ALA A 345 1.67 18.16 -14.19
N ASP A 346 2.87 18.07 -14.79
CA ASP A 346 4.11 18.62 -14.22
C ASP A 346 4.63 19.80 -15.03
N ILE A 347 4.76 20.95 -14.37
CA ILE A 347 5.02 22.19 -15.08
C ILE A 347 6.39 22.75 -14.67
N LYS A 348 7.29 22.83 -15.65
CA LYS A 348 8.60 23.46 -15.47
C LYS A 348 8.57 24.79 -16.15
N ARG A 349 9.30 25.74 -15.59
CA ARG A 349 9.47 27.04 -16.22
C ARG A 349 10.82 27.00 -16.94
N ASP A 350 10.90 27.62 -18.12
CA ASP A 350 12.11 27.59 -18.94
C ASP A 350 12.09 28.70 -20.01
N SER A 351 13.20 28.78 -20.75
CA SER A 351 13.43 29.83 -21.75
C SER A 351 13.76 29.21 -23.11
N TYR A 352 13.21 29.76 -24.17
CA TYR A 352 13.46 29.24 -25.51
C TYR A 352 13.30 30.37 -26.50
N LEU A 353 14.38 30.63 -27.26
CA LEU A 353 14.47 31.78 -28.15
C LEU A 353 14.06 33.05 -27.41
N ASP A 354 14.67 33.20 -26.22
CA ASP A 354 14.48 34.36 -25.35
C ASP A 354 13.00 34.67 -25.14
N PHE A 355 12.22 33.59 -24.98
CA PHE A 355 10.81 33.65 -24.63
C PHE A 355 10.58 32.94 -23.29
N ASP A 356 9.86 33.58 -22.39
CA ASP A 356 9.50 32.91 -21.15
C ASP A 356 8.49 31.84 -21.51
N VAL A 357 8.73 30.63 -21.01
CA VAL A 357 8.08 29.44 -21.51
C VAL A 357 7.80 28.39 -20.43
N ILE A 358 6.71 27.64 -20.65
CA ILE A 358 6.29 26.52 -19.80
C ILE A 358 6.52 25.21 -20.53
N ILE A 359 7.09 24.25 -19.84
CA ILE A 359 7.10 22.88 -20.34
C ILE A 359 6.06 22.13 -19.52
N LYS A 360 5.07 21.55 -20.19
CA LYS A 360 3.96 20.87 -19.51
C LYS A 360 3.91 19.37 -19.84
N GLU A 361 4.01 18.53 -18.82
CA GLU A 361 4.07 17.08 -18.97
C GLU A 361 2.89 16.41 -18.24
N ARG A 362 2.21 15.49 -18.91
CA ARG A 362 1.14 14.74 -18.27
C ARG A 362 1.65 13.41 -17.75
N VAL A 363 1.80 13.33 -16.43
CA VAL A 363 2.47 12.21 -15.76
C VAL A 363 1.65 10.92 -15.81
N LYS A 364 2.29 9.81 -15.44
CA LYS A 364 1.60 8.52 -15.35
C LYS A 364 0.57 8.61 -14.24
N LYS A 365 -0.59 7.96 -14.43
CA LYS A 365 -1.48 7.71 -13.33
C LYS A 365 -1.39 6.24 -12.95
N GLY A 366 -0.84 6.00 -11.76
CA GLY A 366 -0.45 4.67 -11.30
C GLY A 366 -1.56 3.64 -11.24
N TYR A 367 -2.79 4.10 -11.05
CA TYR A 367 -3.92 3.19 -10.91
C TYR A 367 -4.31 2.57 -12.23
N ARG A 368 -4.12 3.29 -13.34
CA ARG A 368 -4.62 2.77 -14.60
C ARG A 368 -3.69 1.82 -15.32
N ASP A 369 -4.27 1.06 -16.25
CA ASP A 369 -3.53 0.13 -17.08
C ASP A 369 -2.64 0.95 -17.99
N GLU A 370 -1.36 0.59 -18.08
CA GLU A 370 -0.40 1.42 -18.82
C GLU A 370 -0.78 1.72 -20.27
N ARG A 371 -1.42 0.77 -20.94
CA ARG A 371 -1.81 1.01 -22.31
C ARG A 371 -2.78 2.19 -22.38
N LEU A 372 -3.88 2.08 -21.64
CA LEU A 372 -4.85 3.15 -21.48
C LEU A 372 -4.19 4.44 -21.04
N ASP A 373 -3.39 4.37 -19.98
CA ASP A 373 -2.66 5.53 -19.52
C ASP A 373 -1.90 6.19 -20.66
N GLU A 374 -1.07 5.41 -21.37
CA GLU A 374 -0.30 5.99 -22.49
C GLU A 374 -1.23 6.63 -23.55
N ASN A 375 -2.38 6.03 -23.82
CA ASN A 375 -3.32 6.63 -24.76
C ASN A 375 -3.96 7.91 -24.22
N ILE A 376 -4.41 7.86 -22.97
CA ILE A 376 -5.08 9.01 -22.33
C ILE A 376 -4.20 10.28 -22.30
N ARG A 377 -2.98 10.16 -21.78
CA ARG A 377 -2.07 11.31 -21.75
C ARG A 377 -1.52 11.66 -23.12
N LYS A 378 -1.54 10.71 -24.05
CA LYS A 378 -1.12 10.97 -25.44
C LYS A 378 -2.17 11.84 -26.12
N SER A 379 -3.44 11.42 -26.01
CA SER A 379 -4.56 12.12 -26.61
C SER A 379 -4.70 13.49 -26.03
N ARG A 380 -4.65 13.59 -24.70
CA ARG A 380 -4.86 14.84 -23.99
C ARG A 380 -3.84 15.92 -24.32
N THR A 381 -2.57 15.58 -24.50
CA THR A 381 -1.60 16.61 -24.89
C THR A 381 -1.78 17.08 -26.33
N ALA A 382 -1.93 16.15 -27.26
CA ALA A 382 -2.22 16.50 -28.66
C ALA A 382 -3.39 17.48 -28.76
N ARG A 383 -4.55 17.08 -28.23
CA ARG A 383 -5.74 17.89 -28.22
C ARG A 383 -5.43 19.28 -27.69
N GLU A 384 -4.67 19.34 -26.60
CA GLU A 384 -4.33 20.60 -25.98
C GLU A 384 -3.52 21.46 -26.95
N ALA A 385 -2.55 20.85 -27.63
CA ALA A 385 -1.82 21.60 -28.64
C ALA A 385 -2.75 21.98 -29.82
N ARG A 386 -3.50 21.01 -30.35
CA ARG A 386 -4.45 21.27 -31.43
C ARG A 386 -5.29 22.52 -31.19
N TYR A 387 -6.01 22.53 -30.07
CA TYR A 387 -7.00 23.58 -29.81
C TYR A 387 -6.39 24.88 -29.31
N LEU A 388 -5.35 24.80 -28.48
CA LEU A 388 -4.72 26.01 -27.97
C LEU A 388 -4.29 26.88 -29.14
N ALA A 389 -3.67 26.27 -30.15
CA ALA A 389 -3.31 26.97 -31.41
C ALA A 389 -4.53 27.33 -32.25
N LEU A 390 -5.36 26.33 -32.57
CA LEU A 390 -6.55 26.52 -33.39
C LEU A 390 -7.35 27.70 -32.92
N VAL A 391 -7.50 27.81 -31.61
CA VAL A 391 -8.42 28.77 -31.03
C VAL A 391 -7.91 30.20 -31.22
N LYS A 392 -6.66 30.33 -31.60
CA LYS A 392 -6.15 31.63 -32.02
C LYS A 392 -6.87 32.23 -33.29
N ASP A 393 -7.14 31.40 -34.31
CA ASP A 393 -7.99 31.80 -35.46
C ASP A 393 -9.34 32.43 -35.13
N PHE A 394 -9.78 32.38 -33.86
CA PHE A 394 -11.06 33.00 -33.44
C PHE A 394 -10.87 34.20 -32.51
N GLY A 395 -9.66 34.76 -32.50
CA GLY A 395 -9.37 35.95 -31.70
C GLY A 395 -9.24 35.73 -30.21
N ILE A 396 -9.09 34.47 -29.81
CA ILE A 396 -9.03 34.12 -28.40
C ILE A 396 -7.57 34.12 -27.95
N PRO A 397 -7.23 34.95 -26.94
CA PRO A 397 -5.84 34.97 -26.51
C PRO A 397 -5.46 33.61 -25.95
N ALA A 398 -4.35 33.06 -26.43
CA ALA A 398 -3.87 31.75 -25.97
C ALA A 398 -2.36 31.65 -26.07
N PRO A 399 -1.73 30.82 -25.21
CA PRO A 399 -0.27 30.67 -25.29
C PRO A 399 0.13 30.14 -26.66
N TYR A 400 1.33 30.48 -27.14
CA TYR A 400 1.80 29.90 -28.37
C TYR A 400 2.38 28.52 -28.11
N ILE A 401 2.00 27.58 -28.95
CA ILE A 401 2.56 26.25 -28.87
C ILE A 401 3.90 26.29 -29.56
N PHE A 402 4.97 26.04 -28.83
CA PHE A 402 6.30 26.07 -29.44
C PHE A 402 6.78 24.70 -29.91
N ASP A 403 6.29 23.65 -29.27
CA ASP A 403 6.75 22.29 -29.51
C ASP A 403 5.81 21.35 -28.80
N VAL A 404 5.52 20.22 -29.43
CA VAL A 404 4.70 19.20 -28.81
C VAL A 404 5.51 17.92 -28.94
N ASP A 405 5.25 16.95 -28.08
CA ASP A 405 6.10 15.76 -27.95
C ASP A 405 5.29 14.56 -27.45
N LEU A 406 4.76 13.77 -28.39
CA LEU A 406 3.81 12.69 -28.08
C LEU A 406 4.39 11.42 -27.44
N ASP A 407 5.72 11.25 -27.49
CA ASP A 407 6.32 10.10 -26.82
C ASP A 407 6.54 10.43 -25.36
N ASN A 408 6.59 11.74 -25.08
CA ASN A 408 6.88 12.20 -23.75
C ASN A 408 5.75 12.97 -23.08
N LYS A 409 4.68 13.22 -23.83
CA LYS A 409 3.50 13.92 -23.32
C LYS A 409 3.82 15.37 -22.92
N ARG A 410 4.90 15.91 -23.49
CA ARG A 410 5.37 17.23 -23.15
C ARG A 410 4.83 18.28 -24.12
N ILE A 411 4.50 19.46 -23.61
CA ILE A 411 4.25 20.62 -24.45
C ILE A 411 5.09 21.79 -23.94
N MET A 412 5.89 22.37 -24.82
CA MET A 412 6.50 23.63 -24.53
C MET A 412 5.49 24.69 -25.00
N MET A 413 5.10 25.60 -24.12
CA MET A 413 4.23 26.69 -24.53
C MET A 413 4.55 28.00 -23.81
N SER A 414 4.00 29.10 -24.35
CA SER A 414 4.13 30.43 -23.78
C SER A 414 3.80 30.52 -22.30
N TYR A 415 4.59 31.31 -21.58
CA TYR A 415 4.31 31.64 -20.18
C TYR A 415 3.50 32.92 -20.10
N ILE A 416 2.35 32.82 -19.47
CA ILE A 416 1.46 33.96 -19.32
C ILE A 416 1.63 34.47 -17.91
N ASN A 417 2.30 35.62 -17.76
CA ASN A 417 2.34 36.22 -16.45
C ASN A 417 0.98 36.89 -16.14
N GLY A 418 0.52 36.70 -14.91
CA GLY A 418 -0.78 37.24 -14.49
C GLY A 418 -1.39 36.43 -13.36
N LYS A 419 -2.65 36.69 -13.05
CA LYS A 419 -3.37 35.90 -12.05
C LYS A 419 -4.42 35.10 -12.80
N LEU A 420 -4.70 33.89 -12.32
CA LEU A 420 -5.71 33.06 -12.98
C LEU A 420 -7.10 33.51 -12.56
N ALA A 421 -8.08 33.39 -13.45
CA ALA A 421 -9.39 33.97 -13.21
C ALA A 421 -9.81 33.83 -11.75
N LYS A 422 -9.70 32.61 -11.21
CA LYS A 422 -10.14 32.28 -9.84
C LYS A 422 -9.75 33.33 -8.78
N ASP A 423 -8.48 33.72 -8.81
CA ASP A 423 -7.91 34.63 -7.82
C ASP A 423 -8.30 36.10 -8.01
N VAL A 424 -8.97 36.43 -9.13
CA VAL A 424 -9.36 37.83 -9.46
C VAL A 424 -10.83 38.02 -9.71
N ILE A 425 -11.41 37.09 -10.47
CA ILE A 425 -12.84 37.06 -10.84
C ILE A 425 -13.84 37.63 -9.80
N GLU A 426 -13.61 37.37 -8.51
CA GLU A 426 -14.53 37.77 -7.44
C GLU A 426 -14.54 39.28 -7.23
N ASP A 427 -13.34 39.85 -7.23
CA ASP A 427 -13.22 41.26 -6.97
C ASP A 427 -13.48 42.02 -8.25
N ASN A 428 -12.89 41.55 -9.36
CA ASN A 428 -13.12 42.13 -10.69
C ASN A 428 -14.08 41.26 -11.51
N LEU A 429 -15.26 41.78 -11.77
CA LEU A 429 -16.31 41.03 -12.44
C LEU A 429 -16.19 41.03 -13.97
N ASP A 430 -15.55 42.06 -14.50
CA ASP A 430 -15.24 42.12 -15.93
C ASP A 430 -14.60 40.79 -16.40
N ILE A 431 -13.88 40.15 -15.49
CA ILE A 431 -13.15 38.92 -15.76
C ILE A 431 -14.05 37.72 -16.01
N ALA A 432 -15.28 37.78 -15.51
CA ALA A 432 -16.29 36.78 -15.80
C ALA A 432 -16.84 36.97 -17.21
N TYR A 433 -16.85 38.21 -17.66
CA TYR A 433 -17.34 38.57 -18.98
C TYR A 433 -16.41 38.01 -20.04
N LYS A 434 -15.12 38.21 -19.83
CA LYS A 434 -14.12 37.79 -20.81
C LYS A 434 -14.13 36.26 -20.98
N ILE A 435 -14.42 35.52 -19.90
CA ILE A 435 -14.58 34.08 -20.02
C ILE A 435 -15.73 33.81 -20.97
N GLY A 436 -16.89 34.41 -20.70
CA GLY A 436 -18.08 34.29 -21.56
C GLY A 436 -17.77 34.40 -23.04
N GLU A 437 -17.05 35.47 -23.39
CA GLU A 437 -16.71 35.78 -24.76
C GLU A 437 -15.90 34.70 -25.45
N ILE A 438 -14.91 34.16 -24.74
CA ILE A 438 -14.12 33.03 -25.20
C ILE A 438 -14.99 31.79 -25.44
N VAL A 439 -15.75 31.37 -24.44
CA VAL A 439 -16.67 30.25 -24.57
C VAL A 439 -17.60 30.43 -25.77
N GLY A 440 -18.19 31.63 -25.88
CA GLY A 440 -19.04 32.00 -27.02
C GLY A 440 -18.32 31.78 -28.34
N LYS A 441 -17.12 32.36 -28.46
CA LYS A 441 -16.27 32.19 -29.63
C LYS A 441 -15.95 30.72 -29.87
N LEU A 442 -15.82 29.95 -28.80
CA LEU A 442 -15.63 28.52 -28.95
C LEU A 442 -16.90 27.93 -29.56
N HIS A 443 -18.03 28.26 -28.95
CA HIS A 443 -19.31 27.68 -29.35
C HIS A 443 -19.72 28.11 -30.74
N LYS A 444 -19.39 29.37 -31.09
CA LYS A 444 -19.64 29.92 -32.41
C LYS A 444 -18.85 29.12 -33.43
N ASN A 445 -17.79 28.47 -33.01
CA ASN A 445 -17.03 27.68 -33.95
C ASN A 445 -17.11 26.18 -33.73
N ASP A 446 -18.22 25.76 -33.13
CA ASP A 446 -18.49 24.34 -32.89
C ASP A 446 -17.30 23.65 -32.17
N VAL A 447 -16.51 24.47 -31.47
CA VAL A 447 -15.44 23.98 -30.59
C VAL A 447 -15.97 23.88 -29.16
N ILE A 448 -15.61 22.79 -28.48
CA ILE A 448 -16.11 22.49 -27.13
C ILE A 448 -14.96 22.22 -26.16
N HIS A 449 -14.88 23.03 -25.11
CA HIS A 449 -14.00 22.74 -23.97
C HIS A 449 -14.77 21.78 -23.09
N ASN A 450 -14.14 20.78 -22.52
CA ASN A 450 -14.98 19.92 -21.70
C ASN A 450 -14.76 20.08 -20.22
N ASP A 451 -14.11 21.18 -19.83
CA ASP A 451 -13.67 21.40 -18.45
C ASP A 451 -13.57 22.89 -18.08
N LEU A 452 -14.57 23.67 -18.46
CA LEU A 452 -14.57 25.08 -18.17
C LEU A 452 -14.57 25.31 -16.67
N THR A 453 -13.57 26.04 -16.18
CA THR A 453 -13.43 26.44 -14.77
C THR A 453 -12.59 27.74 -14.67
N THR A 454 -12.67 28.45 -13.52
CA THR A 454 -11.96 29.73 -13.38
C THR A 454 -10.48 29.55 -13.11
N SER A 455 -10.05 28.30 -12.94
CA SER A 455 -8.62 28.03 -12.84
C SER A 455 -8.00 27.73 -14.22
N ASN A 456 -8.84 27.79 -15.24
CA ASN A 456 -8.40 27.50 -16.59
C ASN A 456 -7.95 28.70 -17.40
N PHE A 457 -8.16 29.89 -16.88
CA PHE A 457 -7.94 31.11 -17.63
C PHE A 457 -6.92 31.98 -16.90
N ILE A 458 -5.94 32.53 -17.61
CA ILE A 458 -5.03 33.50 -16.97
C ILE A 458 -5.16 34.92 -17.51
N PHE A 459 -5.13 35.90 -16.59
CA PHE A 459 -5.25 37.30 -16.96
C PHE A 459 -3.90 38.03 -16.93
N ASP A 460 -3.40 38.40 -18.10
CA ASP A 460 -2.30 39.37 -18.18
C ASP A 460 -2.95 40.74 -18.42
N LYS A 461 -2.97 41.22 -19.67
CA LYS A 461 -3.76 42.41 -20.01
C LYS A 461 -5.11 41.99 -20.59
N ASP A 462 -5.09 40.86 -21.30
CA ASP A 462 -6.32 40.19 -21.70
C ASP A 462 -6.42 38.84 -20.94
N LEU A 463 -7.41 38.02 -21.30
CA LEU A 463 -7.64 36.74 -20.62
C LEU A 463 -7.43 35.56 -21.55
N TYR A 464 -6.55 34.65 -21.18
CA TYR A 464 -6.18 33.50 -21.99
C TYR A 464 -6.82 32.20 -21.48
N ILE A 465 -7.19 31.28 -22.37
CA ILE A 465 -7.41 29.91 -21.95
C ILE A 465 -6.01 29.36 -21.84
N ILE A 466 -5.75 28.55 -20.83
CA ILE A 466 -4.43 27.95 -20.67
C ILE A 466 -4.49 26.43 -20.68
N ASP A 467 -5.69 25.88 -20.74
CA ASP A 467 -5.84 24.44 -20.82
C ASP A 467 -6.90 24.04 -21.87
N PHE A 468 -6.62 23.01 -22.65
CA PHE A 468 -7.61 22.50 -23.59
C PHE A 468 -7.43 21.00 -23.77
N GLY A 469 -7.11 20.31 -22.67
CA GLY A 469 -6.75 18.89 -22.69
C GLY A 469 -7.86 17.92 -23.08
N LEU A 470 -9.11 18.40 -23.07
CA LEU A 470 -10.29 17.56 -23.31
C LEU A 470 -11.27 18.11 -24.36
N GLY A 471 -10.76 18.96 -25.24
CA GLY A 471 -11.57 19.55 -26.29
C GLY A 471 -12.02 18.57 -27.34
N LYS A 472 -13.25 18.75 -27.78
CA LYS A 472 -13.76 18.07 -28.96
C LYS A 472 -14.30 19.12 -29.91
N ILE A 473 -14.30 18.80 -31.20
CA ILE A 473 -15.06 19.56 -32.18
C ILE A 473 -16.38 18.88 -32.25
N SER A 474 -17.43 19.60 -31.85
CA SER A 474 -18.80 19.13 -32.04
C SER A 474 -19.77 20.28 -32.32
N ASN A 475 -20.74 20.04 -33.20
CA ASN A 475 -21.73 21.08 -33.52
C ASN A 475 -23.15 20.77 -33.05
N LEU A 476 -23.29 19.94 -32.02
CA LEU A 476 -24.62 19.67 -31.48
C LEU A 476 -24.94 20.56 -30.27
N ASP A 477 -26.03 21.30 -30.39
CA ASP A 477 -26.47 22.21 -29.33
C ASP A 477 -26.37 21.59 -27.92
N GLU A 478 -26.76 20.31 -27.82
CA GLU A 478 -26.60 19.47 -26.61
C GLU A 478 -25.20 19.56 -25.99
N ASP A 479 -24.17 19.47 -26.81
CA ASP A 479 -22.81 19.54 -26.31
C ASP A 479 -22.44 20.91 -25.78
N LYS A 480 -22.89 21.93 -26.48
CA LYS A 480 -22.73 23.33 -26.06
C LYS A 480 -23.52 23.69 -24.79
N ALA A 481 -24.68 23.08 -24.58
CA ALA A 481 -25.40 23.26 -23.33
C ALA A 481 -24.69 22.62 -22.12
N VAL A 482 -24.16 21.40 -22.29
CA VAL A 482 -23.47 20.74 -21.18
C VAL A 482 -22.12 21.38 -20.94
N ASP A 483 -21.63 22.10 -21.93
CA ASP A 483 -20.40 22.81 -21.74
C ASP A 483 -20.62 23.86 -20.63
N LEU A 484 -21.66 24.68 -20.82
CA LEU A 484 -22.10 25.71 -19.89
C LEU A 484 -22.50 25.15 -18.54
N ILE A 485 -23.11 23.97 -18.54
CA ILE A 485 -23.45 23.31 -17.29
C ILE A 485 -22.21 22.89 -16.47
N VAL A 486 -21.11 22.47 -17.11
CA VAL A 486 -19.90 22.17 -16.34
C VAL A 486 -19.31 23.43 -15.72
N PHE A 487 -19.31 24.52 -16.46
CA PHE A 487 -18.82 25.78 -15.95
C PHE A 487 -19.72 26.32 -14.86
N LYS A 488 -21.02 26.18 -15.05
CA LYS A 488 -21.97 26.64 -14.05
C LYS A 488 -21.64 25.98 -12.70
N LYS A 489 -21.43 24.67 -12.70
CA LYS A 489 -21.14 23.90 -11.49
C LYS A 489 -19.80 24.29 -10.88
N ALA A 490 -18.83 24.51 -11.75
CA ALA A 490 -17.54 25.00 -11.34
C ALA A 490 -17.72 26.31 -10.59
N VAL A 491 -18.45 27.26 -11.18
CA VAL A 491 -18.63 28.55 -10.54
C VAL A 491 -19.30 28.36 -9.19
N LEU A 492 -20.31 27.50 -9.14
CA LEU A 492 -21.00 27.19 -7.88
C LEU A 492 -20.09 26.60 -6.80
N SER A 493 -19.16 25.72 -7.18
CA SER A 493 -18.39 24.95 -6.20
C SER A 493 -17.18 25.68 -5.64
N THR A 494 -16.79 26.77 -6.29
CA THR A 494 -15.54 27.41 -5.94
C THR A 494 -15.72 28.93 -5.75
N HIS A 495 -16.87 29.45 -6.16
CA HIS A 495 -17.19 30.85 -6.01
C HIS A 495 -18.65 30.94 -5.62
N HIS A 496 -19.04 30.08 -4.67
CA HIS A 496 -20.44 29.92 -4.29
C HIS A 496 -21.10 31.24 -3.93
N GLU A 497 -20.46 31.99 -3.03
CA GLU A 497 -21.09 33.18 -2.45
C GLU A 497 -21.29 34.28 -3.50
N LYS A 498 -20.36 34.38 -4.43
CA LYS A 498 -20.46 35.38 -5.50
C LYS A 498 -20.94 34.79 -6.84
N PHE A 499 -21.77 33.76 -6.76
CA PHE A 499 -22.26 33.02 -7.93
C PHE A 499 -23.20 33.84 -8.82
N ASP A 500 -24.39 34.14 -8.31
CA ASP A 500 -25.40 34.86 -9.07
C ASP A 500 -24.86 36.03 -9.86
N GLU A 501 -23.82 36.68 -9.33
CA GLU A 501 -23.18 37.78 -10.00
C GLU A 501 -22.31 37.29 -11.15
N ILE A 502 -21.45 36.33 -10.85
CA ILE A 502 -20.47 35.83 -11.81
C ILE A 502 -21.17 35.21 -13.02
N TRP A 503 -22.19 34.42 -12.74
CA TRP A 503 -22.99 33.77 -13.77
C TRP A 503 -23.77 34.75 -14.63
N GLU A 504 -24.44 35.72 -13.99
CA GLU A 504 -25.26 36.67 -14.74
C GLU A 504 -24.38 37.62 -15.55
N ARG A 505 -23.11 37.69 -15.18
CA ARG A 505 -22.13 38.49 -15.92
C ARG A 505 -21.51 37.69 -17.06
N PHE A 506 -21.16 36.43 -16.78
CA PHE A 506 -20.60 35.50 -17.77
C PHE A 506 -21.51 35.36 -18.99
N LEU A 507 -22.81 35.29 -18.73
CA LEU A 507 -23.80 35.17 -19.77
C LEU A 507 -23.73 36.35 -20.72
N GLU A 508 -23.59 37.55 -20.17
CA GLU A 508 -23.48 38.76 -20.98
C GLU A 508 -22.27 38.68 -21.94
N GLY A 509 -21.17 38.12 -21.47
CA GLY A 509 -19.97 37.94 -22.31
C GLY A 509 -20.23 36.94 -23.42
N TYR A 510 -21.11 35.99 -23.13
CA TYR A 510 -21.49 34.95 -24.05
C TYR A 510 -22.59 35.48 -24.97
N LYS A 511 -23.39 36.40 -24.45
CA LYS A 511 -24.43 37.12 -25.22
C LYS A 511 -23.82 37.95 -26.34
N SER A 512 -22.84 38.80 -26.00
CA SER A 512 -22.25 39.71 -26.97
C SER A 512 -21.52 39.01 -28.10
N VAL A 513 -21.48 37.68 -28.07
CA VAL A 513 -20.57 36.93 -28.93
C VAL A 513 -21.22 35.79 -29.73
N TYR A 514 -22.20 35.11 -29.14
CA TYR A 514 -22.89 34.03 -29.83
C TYR A 514 -24.34 34.39 -30.03
N ASP A 515 -24.77 34.40 -31.30
CA ASP A 515 -26.14 34.76 -31.64
C ASP A 515 -27.11 33.72 -31.19
N ARG A 516 -26.74 32.46 -31.42
CA ARG A 516 -27.52 31.30 -31.03
C ARG A 516 -27.65 31.11 -29.51
N TRP A 517 -27.33 32.14 -28.72
CA TRP A 517 -27.24 32.02 -27.27
C TRP A 517 -28.51 31.47 -26.58
N GLU A 518 -29.68 31.99 -26.97
CA GLU A 518 -30.96 31.57 -26.38
C GLU A 518 -31.28 30.09 -26.61
N ILE A 519 -31.05 29.61 -27.84
CA ILE A 519 -31.34 28.21 -28.21
C ILE A 519 -30.56 27.20 -27.35
N ILE A 520 -29.40 27.64 -26.87
CA ILE A 520 -28.52 26.80 -26.05
C ILE A 520 -28.75 27.03 -24.56
N LEU A 521 -29.10 28.27 -24.20
CA LEU A 521 -29.40 28.62 -22.82
C LEU A 521 -30.75 28.02 -22.42
N GLU A 522 -31.68 28.02 -23.37
CA GLU A 522 -32.97 27.33 -23.26
C GLU A 522 -32.81 25.80 -23.18
N LEU A 523 -31.89 25.25 -23.98
CA LEU A 523 -31.61 23.81 -23.97
C LEU A 523 -30.88 23.44 -22.70
N MET A 524 -30.15 24.42 -22.15
CA MET A 524 -29.47 24.27 -20.86
C MET A 524 -30.52 24.04 -19.78
N LYS A 525 -31.49 24.97 -19.68
CA LYS A 525 -32.59 24.88 -18.70
C LYS A 525 -33.47 23.64 -18.90
N ASP A 526 -33.37 23.00 -20.07
CA ASP A 526 -33.99 21.72 -20.31
C ASP A 526 -33.27 20.57 -19.59
N VAL A 527 -31.95 20.47 -19.81
CA VAL A 527 -31.14 19.39 -19.24
C VAL A 527 -31.15 19.45 -17.70
N GLU A 528 -31.16 20.66 -17.15
CA GLU A 528 -31.30 20.88 -15.72
C GLU A 528 -32.75 20.60 -15.27
N ARG A 529 -33.21 19.38 -15.58
CA ARG A 529 -34.52 18.85 -15.16
C ARG A 529 -34.68 17.35 -15.47
N ARG A 530 -33.87 16.87 -16.41
CA ARG A 530 -33.87 15.45 -16.80
C ARG A 530 -33.11 14.60 -15.78
N MET B 1 16.46 13.24 -14.94
CA MET B 1 16.23 13.58 -13.50
C MET B 1 17.56 13.90 -12.75
N ILE B 2 17.43 14.48 -11.55
CA ILE B 2 18.58 14.85 -10.71
C ILE B 2 18.12 15.19 -9.27
N CYS B 3 18.73 14.54 -8.27
CA CYS B 3 18.25 14.63 -6.88
C CYS B 3 19.34 14.85 -5.82
N LEU B 4 18.97 15.57 -4.75
CA LEU B 4 19.83 15.71 -3.58
C LEU B 4 19.29 14.86 -2.45
N GLY B 5 20.19 14.18 -1.75
CA GLY B 5 19.83 13.26 -0.68
C GLY B 5 20.59 13.51 0.61
N LEU B 6 19.86 13.44 1.72
CA LEU B 6 20.42 13.71 3.05
C LEU B 6 20.42 12.45 3.93
N GLU B 7 21.44 12.34 4.76
CA GLU B 7 21.71 11.12 5.51
C GLU B 7 22.08 11.43 6.96
N GLY B 8 21.35 10.81 7.89
CA GLY B 8 21.60 11.01 9.32
C GLY B 8 20.80 10.06 10.22
N THR B 9 21.09 8.76 10.09
CA THR B 9 20.44 7.72 10.90
C THR B 9 21.22 7.40 12.18
N ALA B 10 22.54 7.61 12.14
CA ALA B 10 23.40 7.18 13.24
C ALA B 10 24.43 8.22 13.68
N GLU B 11 25.65 7.75 13.89
CA GLU B 11 26.75 8.51 14.51
C GLU B 11 27.51 9.43 13.52
N LYS B 12 26.89 9.77 12.39
CA LYS B 12 27.50 10.65 11.39
C LYS B 12 26.50 11.19 10.35
N THR B 13 26.87 12.30 9.71
CA THR B 13 25.98 13.05 8.80
C THR B 13 26.57 13.19 7.40
N GLY B 14 25.71 13.08 6.39
CA GLY B 14 26.14 13.14 4.99
C GLY B 14 25.07 13.65 4.04
N VAL B 15 25.52 14.03 2.84
CA VAL B 15 24.65 14.58 1.80
C VAL B 15 25.19 14.20 0.43
N GLY B 16 24.32 14.04 -0.56
CA GLY B 16 24.76 13.65 -1.90
C GLY B 16 23.89 14.20 -3.00
N ILE B 17 24.37 14.08 -4.24
CA ILE B 17 23.64 14.49 -5.43
C ILE B 17 23.93 13.49 -6.53
N VAL B 18 22.88 12.83 -7.03
CA VAL B 18 23.06 11.81 -8.06
C VAL B 18 22.12 12.01 -9.26
N THR B 19 22.42 11.29 -10.33
CA THR B 19 21.77 11.48 -11.62
C THR B 19 20.91 10.28 -11.99
N SER B 20 19.77 10.55 -12.63
CA SER B 20 18.90 9.53 -13.22
C SER B 20 19.66 8.43 -13.96
N ASP B 21 20.84 8.78 -14.50
CA ASP B 21 21.70 7.87 -15.24
C ASP B 21 22.61 7.04 -14.35
N GLY B 22 22.92 7.56 -13.17
CA GLY B 22 23.75 6.86 -12.20
C GLY B 22 24.98 7.64 -11.75
N GLU B 23 25.11 8.89 -12.19
CA GLU B 23 26.29 9.69 -11.86
C GLU B 23 26.27 10.19 -10.43
N VAL B 24 27.46 10.42 -9.86
CA VAL B 24 27.57 10.81 -8.46
C VAL B 24 28.31 12.15 -8.36
N LEU B 25 27.76 13.17 -9.02
CA LEU B 25 28.32 14.52 -9.05
C LEU B 25 29.05 14.95 -7.78
N PHE B 26 28.55 14.48 -6.64
CA PHE B 26 29.05 14.88 -5.32
C PHE B 26 28.61 13.88 -4.26
N ASN B 27 29.39 13.77 -3.17
CA ASN B 27 28.94 13.11 -1.93
C ASN B 27 29.93 13.07 -0.74
N LYS B 28 30.30 14.24 -0.24
CA LYS B 28 31.11 14.33 0.98
C LYS B 28 30.27 13.87 2.20
N THR B 29 30.91 13.21 3.16
CA THR B 29 30.22 12.69 4.34
C THR B 29 31.15 12.87 5.54
N ILE B 30 30.68 13.53 6.60
CA ILE B 30 31.59 13.92 7.70
C ILE B 30 31.31 13.25 9.05
N MET B 31 32.33 13.26 9.90
CA MET B 31 32.33 12.55 11.18
C MET B 31 32.14 13.49 12.39
N GLU B 43 20.99 15.35 22.42
CA GLU B 43 22.22 14.66 22.81
C GLU B 43 23.14 14.42 21.59
N ALA B 44 22.80 13.42 20.77
CA ALA B 44 23.60 13.06 19.59
C ALA B 44 23.19 13.91 18.40
N ALA B 45 21.91 14.29 18.40
CA ALA B 45 21.29 15.10 17.36
C ALA B 45 21.96 16.46 17.09
N ASP B 46 22.49 17.09 18.14
CA ASP B 46 23.08 18.43 18.06
C ASP B 46 24.22 18.49 17.05
N HIS B 47 24.99 17.40 17.00
CA HIS B 47 26.09 17.19 16.04
C HIS B 47 25.64 17.36 14.57
N HIS B 48 24.38 16.99 14.30
CA HIS B 48 23.80 16.97 12.95
C HIS B 48 23.35 18.33 12.42
N ALA B 49 22.53 19.02 13.22
CA ALA B 49 21.96 20.31 12.83
C ALA B 49 23.03 21.37 12.55
N GLU B 50 24.09 21.34 13.36
CA GLU B 50 25.21 22.28 13.26
C GLU B 50 26.05 22.12 11.97
N THR B 51 25.89 21.00 11.29
CA THR B 51 26.78 20.66 10.17
C THR B 51 26.10 20.52 8.79
N PHE B 52 24.80 20.21 8.80
CA PHE B 52 24.04 19.99 7.57
C PHE B 52 24.01 21.15 6.57
N PRO B 53 23.86 22.41 7.05
CA PRO B 53 23.90 23.48 6.06
C PRO B 53 25.32 23.71 5.53
N LYS B 54 26.28 23.58 6.46
CA LYS B 54 27.73 23.66 6.23
C LYS B 54 28.17 22.68 5.12
N LEU B 55 27.41 21.58 5.00
CA LEU B 55 27.67 20.55 4.01
C LEU B 55 26.93 20.80 2.70
N ILE B 56 25.75 21.42 2.80
CA ILE B 56 24.97 21.78 1.62
C ILE B 56 25.59 23.00 0.94
N LYS B 57 26.45 23.72 1.67
CA LYS B 57 27.27 24.77 1.07
C LYS B 57 27.98 24.15 -0.14
N GLU B 58 28.74 23.09 0.12
CA GLU B 58 29.61 22.46 -0.88
C GLU B 58 28.85 21.98 -2.11
N ALA B 59 27.73 21.31 -1.86
CA ALA B 59 26.91 20.69 -2.91
C ALA B 59 26.43 21.69 -3.97
N PHE B 60 26.06 22.89 -3.52
CA PHE B 60 25.59 23.93 -4.43
C PHE B 60 26.71 24.58 -5.21
N GLU B 61 27.94 24.40 -4.73
CA GLU B 61 29.12 24.91 -5.40
C GLU B 61 29.67 23.93 -6.46
N VAL B 62 29.22 22.67 -6.43
CA VAL B 62 29.49 21.74 -7.53
C VAL B 62 28.35 21.84 -8.53
N VAL B 63 27.13 21.99 -8.02
CA VAL B 63 25.95 22.26 -8.85
C VAL B 63 24.96 23.09 -8.05
N ASP B 64 24.56 24.24 -8.58
CA ASP B 64 23.73 25.19 -7.82
C ASP B 64 22.25 24.83 -7.76
N LYS B 65 21.58 25.43 -6.76
CA LYS B 65 20.19 25.13 -6.36
C LYS B 65 19.18 24.91 -7.49
N ASN B 66 19.23 25.77 -8.50
CA ASN B 66 18.30 25.74 -9.64
C ASN B 66 18.21 24.39 -10.37
N GLU B 67 19.26 23.58 -10.25
CA GLU B 67 19.37 22.29 -10.96
C GLU B 67 18.61 21.12 -10.31
N ILE B 68 18.39 21.22 -9.00
CA ILE B 68 17.84 20.11 -8.22
C ILE B 68 16.34 19.85 -8.45
N ASP B 69 16.01 18.58 -8.65
CA ASP B 69 14.64 18.16 -8.95
C ASP B 69 13.99 17.42 -7.82
N LEU B 70 14.77 16.89 -6.88
CA LEU B 70 14.22 16.08 -5.78
C LEU B 70 15.04 16.18 -4.51
N ILE B 71 14.35 16.14 -3.37
CA ILE B 71 15.02 15.97 -2.09
C ILE B 71 14.67 14.61 -1.50
N ALA B 72 15.70 13.87 -1.12
CA ALA B 72 15.53 12.58 -0.46
C ALA B 72 16.24 12.68 0.87
N PHE B 73 15.62 12.14 1.91
CA PHE B 73 16.27 12.02 3.22
C PHE B 73 16.09 10.60 3.72
N SER B 74 16.89 10.18 4.70
CA SER B 74 16.68 8.86 5.27
C SER B 74 15.54 8.93 6.28
N GLN B 75 14.43 8.30 5.91
CA GLN B 75 13.26 8.29 6.75
C GLN B 75 13.43 7.40 7.98
N GLY B 76 14.34 6.44 7.89
CA GLY B 76 14.49 5.40 8.90
C GLY B 76 15.07 4.15 8.27
N PRO B 77 15.44 3.15 9.09
CA PRO B 77 15.31 3.15 10.55
C PRO B 77 16.50 3.85 11.19
N GLY B 78 16.40 4.07 12.50
CA GLY B 78 17.51 4.68 13.23
C GLY B 78 17.11 5.19 14.59
N LEU B 79 17.82 6.21 15.05
CA LEU B 79 17.57 6.80 16.37
C LEU B 79 16.64 8.01 16.27
N GLY B 80 15.67 8.09 17.19
CA GLY B 80 14.76 9.24 17.33
C GLY B 80 15.39 10.59 17.00
N PRO B 81 15.92 11.30 18.02
CA PRO B 81 16.57 12.60 17.84
C PRO B 81 17.29 12.80 16.49
N SER B 82 18.11 11.82 16.09
CA SER B 82 18.99 11.99 14.93
C SER B 82 18.24 12.06 13.59
N LEU B 83 17.25 11.17 13.42
CA LEU B 83 16.38 11.19 12.24
C LEU B 83 15.53 12.47 12.15
N ARG B 84 14.84 12.81 13.25
CA ARG B 84 13.98 14.01 13.34
C ARG B 84 14.66 15.24 12.77
N VAL B 85 15.92 15.42 13.09
CA VAL B 85 16.67 16.56 12.62
C VAL B 85 16.81 16.51 11.10
N THR B 86 17.38 15.43 10.60
CA THR B 86 17.58 15.25 9.17
C THR B 86 16.26 15.46 8.44
N ALA B 87 15.19 14.90 9.02
CA ALA B 87 13.85 15.09 8.49
C ALA B 87 13.51 16.57 8.32
N THR B 88 13.69 17.35 9.38
CA THR B 88 13.47 18.80 9.36
C THR B 88 14.27 19.40 8.23
N VAL B 89 15.59 19.28 8.32
CA VAL B 89 16.50 19.81 7.32
C VAL B 89 15.98 19.56 5.90
N ALA B 90 15.55 18.33 5.62
CA ALA B 90 15.13 17.96 4.27
C ALA B 90 13.75 18.54 3.93
N ARG B 91 12.83 18.44 4.90
CA ARG B 91 11.54 19.13 4.82
C ARG B 91 11.74 20.60 4.40
N THR B 92 12.36 21.40 5.26
CA THR B 92 12.70 22.79 4.95
C THR B 92 13.24 22.97 3.53
N LEU B 93 14.46 22.48 3.28
CA LEU B 93 15.08 22.57 1.95
C LEU B 93 14.12 22.25 0.80
N SER B 94 13.11 21.43 1.04
CA SER B 94 12.13 21.16 -0.01
C SER B 94 11.13 22.33 -0.15
N LEU B 95 10.64 22.86 0.97
CA LEU B 95 9.81 24.08 1.01
C LEU B 95 10.56 25.29 0.48
N THR B 96 11.84 25.37 0.83
CA THR B 96 12.71 26.47 0.41
C THR B 96 12.79 26.56 -1.12
N LEU B 97 12.60 25.43 -1.81
CA LEU B 97 12.82 25.41 -3.25
C LEU B 97 11.62 24.91 -4.08
N LYS B 98 10.46 24.73 -3.45
CA LYS B 98 9.26 24.18 -4.11
C LYS B 98 9.65 22.94 -4.96
N LYS B 99 10.18 21.92 -4.29
CA LYS B 99 10.66 20.72 -4.97
C LYS B 99 10.20 19.46 -4.25
N PRO B 100 9.85 18.40 -5.02
CA PRO B 100 9.40 17.09 -4.49
C PRO B 100 10.27 16.53 -3.36
N ILE B 101 9.67 15.72 -2.48
CA ILE B 101 10.38 15.11 -1.36
C ILE B 101 9.96 13.66 -1.16
N ILE B 102 10.92 12.76 -0.87
CA ILE B 102 10.62 11.40 -0.33
C ILE B 102 11.60 10.88 0.72
N GLY B 103 11.04 10.34 1.80
CA GLY B 103 11.82 9.58 2.75
C GLY B 103 12.16 8.24 2.13
N VAL B 104 13.23 7.64 2.60
CA VAL B 104 13.75 6.44 2.02
C VAL B 104 14.22 5.53 3.14
N ASN B 105 14.13 4.22 2.93
CA ASN B 105 14.62 3.24 3.90
C ASN B 105 16.12 3.11 3.84
N HIS B 106 16.75 3.31 4.99
CA HIS B 106 18.21 3.24 5.16
C HIS B 106 18.88 1.96 4.60
N CYS B 107 18.26 0.81 4.83
CA CYS B 107 18.84 -0.48 4.43
C CYS B 107 18.50 -0.84 3.00
N ILE B 108 17.57 -0.10 2.40
CA ILE B 108 17.33 -0.27 1.00
C ILE B 108 18.22 0.70 0.25
N ALA B 109 18.53 1.82 0.88
CA ALA B 109 19.52 2.74 0.32
C ALA B 109 20.89 2.05 0.23
N HIS B 110 21.20 1.22 1.21
CA HIS B 110 22.46 0.50 1.29
C HIS B 110 22.66 -0.55 0.21
N ILE B 111 21.61 -1.32 -0.08
CA ILE B 111 21.76 -2.48 -0.97
C ILE B 111 21.55 -2.05 -2.42
N GLU B 112 20.89 -0.91 -2.62
CA GLU B 112 20.56 -0.46 -3.97
C GLU B 112 21.66 0.33 -4.61
N ILE B 113 22.30 1.20 -3.82
CA ILE B 113 23.52 1.86 -4.22
C ILE B 113 24.56 0.81 -4.60
N GLY B 114 24.47 -0.34 -3.94
CA GLY B 114 25.30 -1.50 -4.23
C GLY B 114 25.14 -1.96 -5.66
N LYS B 115 23.95 -2.41 -6.01
CA LYS B 115 23.68 -2.94 -7.35
C LYS B 115 24.21 -2.04 -8.47
N LEU B 116 24.28 -0.74 -8.19
CA LEU B 116 24.75 0.27 -9.15
C LEU B 116 26.26 0.33 -9.25
N THR B 117 26.94 0.50 -8.10
CA THR B 117 28.40 0.63 -8.08
C THR B 117 29.17 -0.70 -7.94
N THR B 118 28.60 -1.79 -8.47
CA THR B 118 29.24 -3.11 -8.49
C THR B 118 28.91 -3.95 -9.73
N GLU B 119 27.82 -3.62 -10.40
CA GLU B 119 27.31 -4.43 -11.54
C GLU B 119 26.87 -5.82 -11.07
N ALA B 120 26.20 -5.83 -9.92
CA ALA B 120 25.34 -6.94 -9.52
C ALA B 120 23.96 -6.56 -10.03
N GLU B 121 23.00 -7.47 -9.85
CA GLU B 121 21.64 -7.27 -10.35
C GLU B 121 20.55 -7.69 -9.36
N ASP B 122 20.68 -8.87 -8.75
CA ASP B 122 19.72 -9.32 -7.72
C ASP B 122 20.36 -10.25 -6.65
N PRO B 123 20.94 -9.64 -5.60
CA PRO B 123 21.71 -10.32 -4.57
C PRO B 123 21.04 -10.62 -3.23
N LEU B 124 21.63 -11.58 -2.53
CA LEU B 124 21.35 -11.86 -1.13
C LEU B 124 22.39 -11.04 -0.36
N THR B 125 21.96 -9.96 0.28
CA THR B 125 22.92 -9.01 0.80
C THR B 125 23.02 -9.10 2.31
N LEU B 126 24.25 -9.23 2.80
CA LEU B 126 24.55 -9.27 4.24
C LEU B 126 24.87 -7.86 4.74
N TYR B 127 23.96 -7.29 5.53
CA TYR B 127 24.05 -5.91 5.95
C TYR B 127 24.59 -5.82 7.37
N VAL B 128 25.85 -5.40 7.49
CA VAL B 128 26.48 -5.41 8.80
C VAL B 128 27.14 -4.08 9.13
N SER B 129 26.91 -3.59 10.34
CA SER B 129 27.38 -2.27 10.73
C SER B 129 27.32 -2.09 12.24
N GLY B 130 27.28 -0.82 12.66
CA GLY B 130 27.20 -0.45 14.08
C GLY B 130 25.76 -0.47 14.56
N GLY B 131 24.84 -0.34 13.60
CA GLY B 131 23.40 -0.29 13.86
C GLY B 131 22.63 -1.56 13.54
N ASN B 132 22.89 -2.15 12.39
CA ASN B 132 22.16 -3.36 11.94
C ASN B 132 23.05 -4.57 11.76
N THR B 133 22.43 -5.74 11.82
CA THR B 133 23.05 -6.97 11.34
C THR B 133 21.91 -7.79 10.76
N GLN B 134 21.76 -7.72 9.44
CA GLN B 134 20.64 -8.37 8.76
C GLN B 134 21.06 -9.00 7.45
N VAL B 135 20.48 -10.16 7.16
CA VAL B 135 20.57 -10.76 5.84
C VAL B 135 19.25 -10.55 5.09
N ILE B 136 19.27 -9.67 4.10
CA ILE B 136 18.05 -9.38 3.35
C ILE B 136 18.22 -9.55 1.86
N ALA B 137 17.16 -10.02 1.22
CA ALA B 137 17.16 -10.17 -0.23
C ALA B 137 15.75 -10.01 -0.78
N TYR B 138 15.67 -9.41 -1.97
CA TYR B 138 14.40 -9.18 -2.68
C TYR B 138 13.68 -10.48 -3.06
N VAL B 139 12.53 -10.76 -2.43
CA VAL B 139 11.78 -11.99 -2.69
C VAL B 139 10.27 -11.75 -2.73
N SER B 140 9.70 -11.94 -3.92
CA SER B 140 8.28 -11.69 -4.18
C SER B 140 7.80 -10.31 -3.70
N LYS B 141 8.17 -9.30 -4.47
CA LYS B 141 7.66 -7.92 -4.36
C LYS B 141 8.12 -7.08 -3.14
N LYS B 142 8.98 -7.64 -2.27
CA LYS B 142 9.51 -6.89 -1.11
C LYS B 142 10.90 -7.37 -0.64
N TYR B 143 11.76 -6.44 -0.23
CA TYR B 143 13.00 -6.82 0.47
C TYR B 143 12.60 -7.34 1.83
N ARG B 144 13.12 -8.51 2.18
CA ARG B 144 12.66 -9.23 3.36
C ARG B 144 13.84 -9.64 4.22
N VAL B 145 13.65 -9.62 5.54
CA VAL B 145 14.71 -10.08 6.46
C VAL B 145 14.69 -11.61 6.55
N PHE B 146 15.81 -12.23 6.16
CA PHE B 146 15.92 -13.68 6.13
C PHE B 146 16.81 -14.23 7.23
N GLY B 147 17.44 -13.32 7.96
CA GLY B 147 18.21 -13.60 9.17
C GLY B 147 18.63 -12.27 9.78
N GLU B 148 18.79 -12.22 11.09
CA GLU B 148 19.22 -10.98 11.77
C GLU B 148 19.77 -11.25 13.15
N THR B 149 20.32 -10.22 13.78
CA THR B 149 20.71 -10.33 15.17
C THR B 149 19.49 -10.24 16.05
N LEU B 150 19.52 -10.96 17.17
CA LEU B 150 18.44 -10.92 18.15
C LEU B 150 18.68 -9.92 19.28
N ASP B 151 19.85 -9.30 19.26
CA ASP B 151 20.19 -8.29 20.26
C ASP B 151 20.91 -7.09 19.67
N ILE B 152 22.24 -7.06 19.76
CA ILE B 152 23.06 -5.93 19.27
C ILE B 152 23.71 -6.27 17.91
N ALA B 153 24.08 -5.25 17.14
CA ALA B 153 24.71 -5.47 15.81
C ALA B 153 26.17 -5.90 15.96
N VAL B 154 26.74 -6.58 14.97
CA VAL B 154 28.15 -7.00 15.14
C VAL B 154 29.02 -5.82 15.43
N GLY B 155 28.82 -4.73 14.67
CA GLY B 155 29.57 -3.49 14.86
C GLY B 155 29.52 -3.08 16.32
N ASN B 156 28.33 -2.71 16.79
CA ASN B 156 28.15 -2.42 18.19
C ASN B 156 28.95 -3.39 19.06
N CYS B 157 28.81 -4.70 18.84
CA CYS B 157 29.51 -5.69 19.65
C CYS B 157 31.02 -5.41 19.71
N LEU B 158 31.65 -5.22 18.56
CA LEU B 158 33.07 -4.90 18.50
C LEU B 158 33.33 -3.57 19.22
N ASP B 159 32.64 -2.51 18.76
CA ASP B 159 32.68 -1.19 19.40
C ASP B 159 32.76 -1.29 20.91
N GLN B 160 31.84 -2.05 21.48
CA GLN B 160 31.72 -2.20 22.91
C GLN B 160 32.90 -2.93 23.51
N PHE B 161 33.35 -4.00 22.86
CA PHE B 161 34.56 -4.68 23.35
C PHE B 161 35.72 -3.69 23.29
N ALA B 162 35.94 -3.11 22.11
CA ALA B 162 37.00 -2.11 21.93
C ALA B 162 37.09 -1.20 23.14
N ARG B 163 35.98 -0.53 23.45
CA ARG B 163 35.91 0.40 24.58
C ARG B 163 36.42 -0.29 25.84
N TYR B 164 35.75 -1.37 26.23
CA TYR B 164 36.10 -2.15 27.41
C TYR B 164 37.61 -2.44 27.50
N VAL B 165 38.29 -2.49 26.36
CA VAL B 165 39.71 -2.82 26.32
C VAL B 165 40.53 -1.72 25.63
N ASN B 166 40.92 -0.71 26.40
CA ASN B 166 41.54 0.53 25.90
C ASN B 166 42.06 0.58 24.45
N LEU B 167 41.14 0.88 23.54
CA LEU B 167 41.42 1.20 22.15
C LEU B 167 40.43 2.32 21.79
N PRO B 168 40.60 2.98 20.63
CA PRO B 168 39.69 4.07 20.22
C PRO B 168 38.23 3.67 19.94
N HIS B 169 37.43 4.62 19.45
CA HIS B 169 35.99 4.41 19.27
C HIS B 169 35.45 4.42 17.82
N PRO B 170 36.34 4.48 16.81
CA PRO B 170 35.84 3.93 15.54
C PRO B 170 35.55 2.45 15.78
N GLY B 171 36.50 1.73 16.38
CA GLY B 171 36.24 0.42 17.01
C GLY B 171 36.88 -0.83 16.41
N GLY B 172 36.20 -1.41 15.42
CA GLY B 172 36.62 -2.64 14.77
C GLY B 172 38.03 -2.66 14.19
N PRO B 173 38.39 -1.65 13.38
CA PRO B 173 39.68 -1.66 12.68
C PRO B 173 40.87 -1.94 13.58
N TYR B 174 40.83 -1.43 14.81
CA TYR B 174 41.91 -1.66 15.76
C TYR B 174 41.88 -3.08 16.31
N ILE B 175 40.69 -3.70 16.34
CA ILE B 175 40.57 -5.08 16.81
C ILE B 175 40.88 -6.06 15.66
N GLU B 176 40.50 -5.70 14.44
CA GLU B 176 40.83 -6.48 13.25
C GLU B 176 42.32 -6.60 13.09
N GLU B 177 43.01 -5.47 13.20
CA GLU B 177 44.46 -5.42 13.09
C GLU B 177 45.14 -6.25 14.18
N LEU B 178 44.71 -6.04 15.43
CA LEU B 178 45.16 -6.85 16.56
C LEU B 178 44.93 -8.34 16.35
N ALA B 179 43.92 -8.69 15.56
CA ALA B 179 43.52 -10.08 15.34
C ALA B 179 44.50 -10.88 14.50
N ARG B 180 45.07 -10.25 13.46
CA ARG B 180 46.04 -10.93 12.60
C ARG B 180 47.21 -11.47 13.42
N LYS B 181 47.35 -10.95 14.64
CA LYS B 181 48.37 -11.40 15.59
C LYS B 181 47.84 -12.49 16.53
N GLY B 182 46.94 -13.33 16.02
CA GLY B 182 46.28 -14.34 16.84
C GLY B 182 46.83 -15.75 16.74
N LYS B 183 47.17 -16.33 17.88
CA LYS B 183 47.70 -17.70 17.95
C LYS B 183 46.65 -18.68 18.50
N LYS B 184 46.19 -18.46 19.74
CA LYS B 184 45.22 -19.33 20.40
C LYS B 184 43.81 -18.83 20.13
N LEU B 185 42.89 -19.78 19.98
CA LEU B 185 41.48 -19.46 19.79
C LEU B 185 40.78 -19.77 21.10
N VAL B 186 40.48 -18.74 21.88
CA VAL B 186 39.83 -18.98 23.16
C VAL B 186 38.41 -19.49 22.91
N ASP B 187 37.89 -20.32 23.83
CA ASP B 187 36.53 -20.85 23.70
C ASP B 187 35.50 -19.76 24.04
N LEU B 188 34.61 -19.49 23.10
CA LEU B 188 33.53 -18.51 23.30
C LEU B 188 32.19 -19.12 22.88
N PRO B 189 31.04 -18.47 23.18
CA PRO B 189 29.80 -19.07 22.70
C PRO B 189 29.52 -18.78 21.21
N TYR B 190 29.03 -19.81 20.50
CA TYR B 190 28.57 -19.67 19.11
C TYR B 190 27.05 -19.76 19.17
N THR B 191 26.40 -18.61 19.26
CA THR B 191 24.97 -18.56 19.52
C THR B 191 24.13 -18.29 18.27
N VAL B 192 23.55 -19.37 17.73
CA VAL B 192 22.59 -19.33 16.64
C VAL B 192 21.25 -19.76 17.19
N LYS B 193 20.18 -19.06 16.82
CA LYS B 193 18.81 -19.40 17.20
C LYS B 193 17.93 -19.23 15.99
N GLY B 194 17.41 -20.35 15.49
CA GLY B 194 16.61 -20.35 14.27
C GLY B 194 17.49 -19.91 13.12
N MET B 195 17.08 -18.87 12.42
CA MET B 195 17.84 -18.35 11.29
C MET B 195 18.47 -17.05 11.69
N ASP B 196 18.67 -16.86 12.98
CA ASP B 196 19.17 -15.59 13.51
C ASP B 196 20.39 -15.90 14.36
N ILE B 197 21.23 -14.89 14.62
CA ILE B 197 22.30 -15.02 15.61
C ILE B 197 22.13 -14.07 16.80
N ALA B 198 23.01 -14.24 17.79
CA ALA B 198 22.99 -13.47 19.04
C ALA B 198 24.40 -13.11 19.50
N PHE B 199 24.61 -11.87 19.93
CA PHE B 199 25.95 -11.42 20.28
C PHE B 199 26.22 -11.08 21.74
N SER B 200 25.23 -10.66 22.53
CA SER B 200 25.59 -10.09 23.85
C SER B 200 26.32 -11.08 24.76
N GLY B 201 25.86 -12.34 24.77
CA GLY B 201 26.52 -13.41 25.51
C GLY B 201 27.93 -13.69 24.99
N LEU B 202 28.18 -13.37 23.74
CA LEU B 202 29.48 -13.54 23.13
C LEU B 202 30.37 -12.35 23.48
N LEU B 203 29.75 -11.19 23.73
CA LEU B 203 30.48 -9.99 24.15
C LEU B 203 30.96 -10.15 25.61
N THR B 204 30.01 -10.35 26.52
CA THR B 204 30.31 -10.51 27.94
C THR B 204 31.38 -11.57 28.16
N ALA B 205 31.04 -12.81 27.80
CA ALA B 205 31.98 -13.93 27.83
C ALA B 205 33.01 -13.79 26.70
N ALA B 206 33.64 -12.62 26.67
CA ALA B 206 34.83 -12.32 25.87
C ALA B 206 35.46 -11.10 26.52
N MET B 207 34.64 -10.34 27.26
CA MET B 207 35.10 -9.36 28.22
C MET B 207 35.58 -10.18 29.40
N ARG B 208 34.66 -10.91 30.01
CA ARG B 208 34.94 -11.89 31.06
C ARG B 208 36.28 -12.67 30.87
N ALA B 209 36.66 -12.92 29.62
CA ALA B 209 37.92 -13.62 29.32
C ALA B 209 39.16 -12.72 29.47
N TYR B 210 39.02 -11.46 29.08
CA TYR B 210 40.11 -10.49 29.15
C TYR B 210 40.57 -10.26 30.60
N ASP B 211 39.63 -9.80 31.44
CA ASP B 211 39.88 -9.60 32.88
C ASP B 211 40.50 -10.85 33.48
N ALA B 212 39.89 -12.00 33.18
CA ALA B 212 40.32 -13.30 33.66
C ALA B 212 41.69 -13.69 33.13
N GLY B 213 42.43 -12.70 32.64
CA GLY B 213 43.81 -12.88 32.23
C GLY B 213 43.92 -13.78 31.02
N GLU B 214 43.72 -13.18 29.85
CA GLU B 214 43.93 -13.85 28.58
C GLU B 214 44.51 -12.75 27.71
N ARG B 215 45.46 -13.09 26.86
CA ARG B 215 46.09 -12.01 26.12
C ARG B 215 45.21 -11.57 24.96
N LEU B 216 45.31 -10.29 24.62
CA LEU B 216 44.41 -9.64 23.69
C LEU B 216 44.55 -10.19 22.27
N GLU B 217 45.79 -10.21 21.79
CA GLU B 217 46.13 -10.74 20.47
C GLU B 217 45.42 -12.07 20.18
N ASP B 218 44.96 -12.73 21.23
CA ASP B 218 44.20 -13.97 21.09
C ASP B 218 42.69 -13.72 21.09
N ILE B 219 42.22 -12.97 22.08
CA ILE B 219 40.79 -12.74 22.26
C ILE B 219 40.20 -12.03 21.05
N CYS B 220 40.87 -10.95 20.63
CA CYS B 220 40.57 -10.29 19.36
C CYS B 220 40.42 -11.29 18.22
N TYR B 221 41.47 -12.07 17.98
CA TYR B 221 41.43 -13.09 16.94
C TYR B 221 40.22 -14.04 17.11
N SER B 222 39.94 -14.45 18.33
CA SER B 222 38.80 -15.32 18.61
C SER B 222 37.46 -14.65 18.27
N LEU B 223 37.22 -13.49 18.86
CA LEU B 223 36.00 -12.71 18.63
C LEU B 223 35.67 -12.61 17.14
N GLN B 224 36.63 -12.17 16.33
CA GLN B 224 36.44 -12.06 14.88
C GLN B 224 36.01 -13.39 14.24
N GLU B 225 36.75 -14.46 14.56
CA GLU B 225 36.43 -15.77 14.01
C GLU B 225 35.01 -16.14 14.36
N TYR B 226 34.72 -16.19 15.65
CA TYR B 226 33.41 -16.55 16.17
C TYR B 226 32.27 -15.70 15.61
N ALA B 227 32.43 -14.38 15.65
CA ALA B 227 31.37 -13.51 15.18
C ALA B 227 31.16 -13.63 13.65
N PHE B 228 32.25 -13.80 12.89
CA PHE B 228 32.12 -13.82 11.44
C PHE B 228 31.68 -15.17 10.89
N SER B 229 31.95 -16.24 11.64
CA SER B 229 31.49 -17.57 11.26
C SER B 229 30.00 -17.67 11.49
N MET B 230 29.53 -16.95 12.51
CA MET B 230 28.10 -16.77 12.78
C MET B 230 27.42 -15.97 11.66
N LEU B 231 28.06 -14.90 11.20
CA LEU B 231 27.48 -14.10 10.15
C LEU B 231 27.46 -14.87 8.85
N THR B 232 28.62 -15.43 8.54
CA THR B 232 28.80 -16.22 7.34
C THR B 232 27.82 -17.39 7.24
N GLU B 233 27.68 -18.17 8.31
CA GLU B 233 26.81 -19.34 8.25
C GLU B 233 25.37 -18.95 7.94
N ILE B 234 24.87 -18.01 8.73
CA ILE B 234 23.55 -17.44 8.56
C ILE B 234 23.32 -16.96 7.11
N THR B 235 24.35 -16.33 6.53
CA THR B 235 24.31 -15.80 5.16
C THR B 235 24.29 -16.93 4.15
N GLU B 236 25.07 -17.96 4.43
CA GLU B 236 25.08 -19.15 3.61
C GLU B 236 23.74 -19.88 3.65
N ARG B 237 23.20 -20.04 4.84
CA ARG B 237 21.97 -20.77 5.02
C ARG B 237 20.81 -20.07 4.34
N ALA B 238 20.91 -18.74 4.24
CA ALA B 238 19.82 -17.91 3.71
C ALA B 238 19.82 -17.99 2.19
N LEU B 239 21.03 -18.11 1.65
CA LEU B 239 21.28 -18.33 0.23
C LEU B 239 20.53 -19.53 -0.38
N ALA B 240 20.41 -20.60 0.40
CA ALA B 240 19.58 -21.73 0.00
C ALA B 240 18.09 -21.36 -0.11
N HIS B 241 17.55 -20.71 0.93
CA HIS B 241 16.12 -20.37 1.00
C HIS B 241 15.67 -19.25 0.03
N THR B 242 16.62 -18.64 -0.71
CA THR B 242 16.25 -17.60 -1.69
C THR B 242 16.73 -17.92 -3.11
N ASN B 243 17.72 -18.81 -3.22
CA ASN B 243 18.45 -19.09 -4.48
C ASN B 243 18.83 -17.88 -5.35
N LYS B 244 19.49 -16.92 -4.71
CA LYS B 244 20.21 -15.88 -5.42
C LYS B 244 21.53 -16.52 -5.80
N GLY B 245 22.28 -15.88 -6.70
CA GLY B 245 23.56 -16.42 -7.15
C GLY B 245 24.70 -15.44 -6.89
N GLU B 246 24.42 -14.47 -6.04
CA GLU B 246 25.35 -13.39 -5.73
C GLU B 246 25.10 -12.87 -4.34
N VAL B 247 26.19 -12.65 -3.61
CA VAL B 247 26.12 -12.23 -2.23
C VAL B 247 26.89 -10.93 -2.11
N MET B 248 26.24 -9.92 -1.54
CA MET B 248 26.83 -8.58 -1.43
C MET B 248 26.95 -8.18 0.04
N LEU B 249 28.11 -7.65 0.43
CA LEU B 249 28.34 -7.22 1.80
C LEU B 249 28.29 -5.71 1.84
N VAL B 250 27.50 -5.16 2.76
CA VAL B 250 27.40 -3.71 2.97
C VAL B 250 27.45 -3.41 4.46
N GLY B 251 27.70 -2.16 4.81
CA GLY B 251 27.86 -1.76 6.21
C GLY B 251 29.30 -1.39 6.51
N GLY B 252 29.51 -0.77 7.65
CA GLY B 252 30.85 -0.29 8.03
C GLY B 252 31.78 -1.43 8.38
N VAL B 253 31.18 -2.54 8.81
CA VAL B 253 31.87 -3.80 9.06
C VAL B 253 32.41 -4.41 7.74
N ALA B 254 31.93 -3.92 6.60
CA ALA B 254 32.46 -4.34 5.30
C ALA B 254 33.97 -4.09 5.17
N ALA B 255 34.47 -3.07 5.85
CA ALA B 255 35.90 -2.72 5.81
C ALA B 255 36.78 -3.90 6.19
N ASN B 256 36.37 -4.64 7.23
CA ASN B 256 37.10 -5.82 7.69
C ASN B 256 37.37 -6.80 6.57
N ASN B 257 38.65 -7.08 6.37
CA ASN B 257 39.12 -8.00 5.33
C ASN B 257 38.84 -9.47 5.66
N ARG B 258 39.17 -9.87 6.89
CA ARG B 258 38.92 -11.22 7.35
C ARG B 258 37.45 -11.61 7.06
N LEU B 259 36.53 -10.66 7.19
CA LEU B 259 35.15 -10.93 6.84
C LEU B 259 35.01 -11.15 5.32
N ARG B 260 35.44 -10.18 4.51
CA ARG B 260 35.37 -10.30 3.04
C ARG B 260 35.99 -11.59 2.57
N GLU B 261 36.88 -12.13 3.40
CA GLU B 261 37.63 -13.34 3.11
C GLU B 261 36.81 -14.60 3.43
N MET B 262 36.44 -14.74 4.70
CA MET B 262 35.54 -15.79 5.14
C MET B 262 34.37 -15.90 4.20
N LEU B 263 33.80 -14.74 3.85
CA LEU B 263 32.62 -14.69 3.00
C LEU B 263 32.93 -15.01 1.57
N LYS B 264 34.11 -14.62 1.10
CA LYS B 264 34.51 -14.97 -0.27
C LYS B 264 34.64 -16.50 -0.42
N ALA B 265 35.23 -17.13 0.60
CA ALA B 265 35.45 -18.57 0.68
C ALA B 265 34.14 -19.36 0.59
N MET B 266 33.17 -19.00 1.44
CA MET B 266 31.87 -19.62 1.41
C MET B 266 31.21 -19.44 0.03
N CYS B 267 31.43 -18.30 -0.60
CA CYS B 267 30.87 -17.98 -1.91
C CYS B 267 31.50 -18.81 -3.04
N GLU B 268 32.81 -19.04 -2.89
CA GLU B 268 33.58 -19.91 -3.77
C GLU B 268 32.97 -21.32 -3.74
N GLY B 269 33.03 -21.98 -2.57
CA GLY B 269 32.57 -23.36 -2.40
C GLY B 269 31.07 -23.60 -2.51
N GLN B 270 30.35 -22.59 -3.01
CA GLN B 270 28.91 -22.66 -3.23
C GLN B 270 28.62 -22.17 -4.66
N ASN B 271 29.71 -21.80 -5.36
CA ASN B 271 29.67 -21.27 -6.72
C ASN B 271 28.68 -20.12 -6.81
N VAL B 272 29.10 -18.99 -6.28
CA VAL B 272 28.28 -17.78 -6.24
C VAL B 272 29.18 -16.55 -6.19
N ASP B 273 28.70 -15.45 -6.76
CA ASP B 273 29.47 -14.23 -6.84
C ASP B 273 29.45 -13.42 -5.55
N PHE B 274 30.54 -12.73 -5.26
CA PHE B 274 30.66 -11.97 -4.02
C PHE B 274 31.12 -10.56 -4.32
N TYR B 275 30.29 -9.59 -3.98
CA TYR B 275 30.57 -8.20 -4.27
C TYR B 275 30.64 -7.32 -3.03
N VAL B 276 31.44 -6.25 -3.11
CA VAL B 276 31.55 -5.26 -2.06
C VAL B 276 31.76 -3.94 -2.75
N PRO B 277 30.83 -2.98 -2.56
CA PRO B 277 30.95 -1.65 -3.16
C PRO B 277 32.17 -0.87 -2.63
N PRO B 278 32.69 0.10 -3.41
CA PRO B 278 33.82 0.93 -3.01
C PRO B 278 33.60 1.57 -1.64
N LYS B 279 34.68 1.82 -0.92
CA LYS B 279 34.61 2.31 0.47
C LYS B 279 33.60 3.44 0.68
N GLU B 280 33.51 4.33 -0.30
CA GLU B 280 32.65 5.51 -0.26
C GLU B 280 31.19 5.19 0.06
N PHE B 281 30.73 4.00 -0.34
CA PHE B 281 29.31 3.66 -0.25
C PHE B 281 28.94 2.63 0.82
N CYS B 282 29.93 1.93 1.40
CA CYS B 282 29.64 0.84 2.35
C CYS B 282 28.91 1.28 3.61
N GLY B 283 29.28 2.46 4.14
CA GLY B 283 28.66 3.01 5.34
C GLY B 283 27.73 4.17 5.02
N ASP B 284 27.32 4.90 6.07
CA ASP B 284 26.47 6.09 5.94
C ASP B 284 26.93 7.04 4.84
N ASN B 285 26.09 7.20 3.81
CA ASN B 285 26.32 8.22 2.79
C ASN B 285 24.99 8.81 2.31
N GLY B 286 25.02 10.08 1.91
CA GLY B 286 23.87 10.74 1.29
C GLY B 286 23.56 10.15 -0.06
N ALA B 287 24.59 9.78 -0.81
CA ALA B 287 24.45 9.28 -2.18
C ALA B 287 23.49 8.11 -2.37
N MET B 288 23.54 7.13 -1.47
CA MET B 288 22.59 6.01 -1.54
C MET B 288 21.16 6.52 -1.38
N ILE B 289 20.97 7.47 -0.45
CA ILE B 289 19.66 8.07 -0.16
C ILE B 289 19.18 8.94 -1.32
N ALA B 290 20.08 9.75 -1.86
CA ALA B 290 19.83 10.43 -3.12
C ALA B 290 19.30 9.45 -4.17
N TRP B 291 19.99 8.31 -4.32
CA TRP B 291 19.66 7.41 -5.43
C TRP B 291 18.48 6.51 -5.23
N LEU B 292 18.31 5.98 -4.02
CA LEU B 292 17.15 5.13 -3.74
C LEU B 292 15.88 5.97 -3.88
N GLY B 293 16.00 7.24 -3.46
CA GLY B 293 14.96 8.23 -3.68
C GLY B 293 14.67 8.31 -5.16
N LEU B 294 15.70 8.72 -5.90
CA LEU B 294 15.58 8.83 -7.34
C LEU B 294 14.73 7.69 -7.89
N LEU B 295 15.12 6.44 -7.63
CA LEU B 295 14.37 5.28 -8.11
C LEU B 295 12.86 5.37 -7.93
N MET B 296 12.42 5.66 -6.70
CA MET B 296 11.01 5.51 -6.35
C MET B 296 10.15 6.49 -7.13
N HIS B 297 10.66 7.72 -7.22
CA HIS B 297 10.05 8.84 -7.97
C HIS B 297 9.87 8.55 -9.48
N LYS B 298 10.97 8.16 -10.15
CA LYS B 298 10.99 7.70 -11.54
C LYS B 298 9.74 6.89 -11.82
N ASN B 299 9.47 5.90 -10.98
CA ASN B 299 8.37 4.97 -11.18
C ASN B 299 7.17 5.32 -10.31
N GLY B 300 6.93 6.62 -10.16
CA GLY B 300 5.68 7.12 -9.57
C GLY B 300 5.52 6.90 -8.07
N ARG B 301 6.35 7.56 -7.29
CA ARG B 301 6.04 7.74 -5.89
C ARG B 301 6.28 9.19 -5.50
N TRP B 302 5.25 9.81 -4.99
CA TRP B 302 5.32 11.17 -4.50
C TRP B 302 4.87 11.08 -3.05
N MET B 303 5.46 11.93 -2.19
CA MET B 303 5.04 12.02 -0.82
C MET B 303 4.59 13.44 -0.50
N SER B 304 3.53 13.55 0.30
CA SER B 304 3.13 14.82 0.90
C SER B 304 4.02 15.06 2.11
N LEU B 305 4.17 16.30 2.55
CA LEU B 305 4.97 16.57 3.75
C LEU B 305 4.59 15.69 4.95
N ASP B 306 3.31 15.37 5.14
CA ASP B 306 2.99 14.58 6.33
C ASP B 306 3.08 13.05 6.15
N GLU B 307 3.47 12.64 4.95
CA GLU B 307 3.90 11.26 4.76
C GLU B 307 5.35 11.10 5.20
N THR B 308 6.00 12.22 5.56
CA THR B 308 7.40 12.18 5.94
C THR B 308 7.61 12.19 7.44
N LYS B 309 6.62 11.74 8.20
CA LYS B 309 6.86 11.52 9.61
C LYS B 309 7.89 10.41 9.80
N ILE B 310 8.99 10.74 10.49
CA ILE B 310 10.09 9.83 10.83
C ILE B 310 9.63 8.44 11.26
N ILE B 311 10.26 7.40 10.71
CA ILE B 311 9.96 6.02 11.10
C ILE B 311 11.23 5.41 11.68
N PRO B 312 11.38 5.45 13.02
CA PRO B 312 12.58 4.87 13.60
C PRO B 312 12.71 3.34 13.40
N ASN B 313 11.61 2.60 13.46
CA ASN B 313 11.67 1.14 13.40
C ASN B 313 11.24 0.49 12.08
N TYR B 314 11.68 1.09 10.98
CA TYR B 314 11.20 0.84 9.62
C TYR B 314 11.70 -0.52 9.14
N ARG B 315 10.79 -1.45 8.90
CA ARG B 315 11.16 -2.72 8.30
C ARG B 315 11.47 -2.49 6.82
N THR B 316 12.28 -3.36 6.22
CA THR B 316 12.49 -3.38 4.76
C THR B 316 11.25 -3.80 3.99
N ASP B 317 10.47 -4.70 4.56
CA ASP B 317 9.26 -5.20 3.91
C ASP B 317 8.08 -4.28 4.14
N MET B 318 8.37 -3.08 4.61
CA MET B 318 7.33 -2.06 4.80
C MET B 318 7.25 -1.18 3.56
N VAL B 319 8.41 -0.97 2.93
CA VAL B 319 8.49 -0.11 1.76
C VAL B 319 8.00 -0.91 0.56
N GLU B 320 6.99 -0.37 -0.11
CA GLU B 320 6.47 -0.93 -1.33
C GLU B 320 7.53 -0.78 -2.44
N VAL B 321 8.02 -1.89 -2.97
CA VAL B 321 9.00 -1.82 -4.06
C VAL B 321 8.25 -1.52 -5.37
N ASN B 322 8.75 -0.55 -6.13
CA ASN B 322 8.09 -0.15 -7.38
C ASN B 322 9.06 0.05 -8.54
N TRP B 323 10.35 -0.19 -8.29
CA TRP B 323 11.39 0.11 -9.26
C TRP B 323 12.08 -1.13 -9.84
N ILE B 324 11.46 -2.31 -9.69
CA ILE B 324 12.04 -3.56 -10.16
C ILE B 324 11.16 -4.39 -11.11
N LYS B 325 11.81 -5.03 -12.09
CA LYS B 325 11.16 -5.85 -13.11
C LYS B 325 11.29 -7.36 -12.81
N GLY B 340 22.91 -25.58 -0.94
CA GLY B 340 22.79 -26.59 -2.00
C GLY B 340 23.88 -27.65 -1.93
N LYS B 341 24.96 -27.43 -2.69
CA LYS B 341 26.23 -28.19 -2.59
C LYS B 341 26.83 -28.08 -1.16
N GLY B 342 26.26 -27.16 -0.38
CA GLY B 342 26.53 -27.04 1.06
C GLY B 342 25.38 -27.65 1.84
N ALA B 343 24.74 -26.84 2.68
CA ALA B 343 23.94 -27.33 3.81
C ALA B 343 24.92 -27.80 4.88
N GLU B 344 24.42 -28.16 6.06
CA GLU B 344 25.34 -28.48 7.13
C GLU B 344 25.89 -29.91 7.03
N ALA B 345 25.06 -30.82 6.54
CA ALA B 345 25.35 -32.25 6.56
C ALA B 345 25.29 -32.93 5.22
N ASP B 346 26.02 -34.04 5.12
CA ASP B 346 25.87 -35.06 4.09
C ASP B 346 24.89 -36.08 4.70
N ILE B 347 23.92 -36.57 3.93
CA ILE B 347 23.04 -37.64 4.41
C ILE B 347 23.08 -38.80 3.44
N LYS B 348 23.83 -39.85 3.76
CA LYS B 348 23.72 -41.10 3.03
C LYS B 348 22.57 -41.92 3.60
N ARG B 349 21.93 -42.70 2.75
CA ARG B 349 20.99 -43.73 3.23
C ARG B 349 21.63 -45.11 3.10
N ASP B 350 21.18 -46.07 3.90
CA ASP B 350 21.88 -47.32 4.07
C ASP B 350 20.99 -48.26 4.83
N SER B 351 21.42 -49.52 4.94
CA SER B 351 20.80 -50.52 5.81
C SER B 351 21.75 -50.98 6.94
N TYR B 352 21.17 -51.24 8.09
CA TYR B 352 21.92 -51.73 9.22
C TYR B 352 20.99 -52.64 9.95
N LEU B 353 21.39 -53.90 10.10
CA LEU B 353 20.63 -54.91 10.83
C LEU B 353 19.17 -55.03 10.38
N ASP B 354 18.93 -54.84 9.07
CA ASP B 354 17.57 -54.80 8.48
C ASP B 354 16.78 -53.63 9.06
N PHE B 355 17.48 -52.51 9.28
CA PHE B 355 16.85 -51.25 9.66
C PHE B 355 17.26 -50.24 8.63
N ASP B 356 16.28 -49.54 8.08
CA ASP B 356 16.59 -48.47 7.17
C ASP B 356 17.03 -47.30 8.01
N VAL B 357 18.09 -46.66 7.55
CA VAL B 357 18.97 -45.90 8.43
C VAL B 357 19.63 -44.75 7.67
N ILE B 358 19.87 -43.66 8.38
CA ILE B 358 20.46 -42.50 7.77
C ILE B 358 21.81 -42.34 8.44
N ILE B 359 22.82 -41.97 7.65
CA ILE B 359 24.12 -41.66 8.17
C ILE B 359 24.31 -40.19 7.90
N LYS B 360 24.38 -39.41 8.97
CA LYS B 360 24.49 -37.96 8.91
C LYS B 360 25.92 -37.54 9.23
N GLU B 361 26.56 -36.86 8.29
CA GLU B 361 27.91 -36.40 8.51
C GLU B 361 27.97 -34.89 8.44
N ARG B 362 28.40 -34.23 9.51
CA ARG B 362 28.58 -32.79 9.46
C ARG B 362 29.88 -32.43 8.75
N VAL B 363 29.78 -32.07 7.46
CA VAL B 363 30.95 -31.82 6.60
C VAL B 363 31.82 -30.63 7.05
N LYS B 364 33.10 -30.69 6.72
CA LYS B 364 34.02 -29.56 6.95
C LYS B 364 33.45 -28.33 6.27
N LYS B 365 33.51 -27.19 6.94
CA LYS B 365 33.22 -25.92 6.28
C LYS B 365 34.53 -25.17 6.09
N GLY B 366 34.90 -25.01 4.82
CA GLY B 366 36.23 -24.54 4.44
C GLY B 366 36.51 -23.17 5.01
N TYR B 367 35.50 -22.30 4.93
CA TYR B 367 35.66 -20.90 5.29
C TYR B 367 36.34 -20.61 6.64
N ARG B 368 35.96 -21.33 7.69
CA ARG B 368 36.42 -20.97 9.03
C ARG B 368 37.78 -21.52 9.41
N ASP B 369 38.35 -20.93 10.47
CA ASP B 369 39.46 -21.50 11.20
C ASP B 369 39.10 -22.94 11.47
N GLU B 370 40.04 -23.86 11.25
CA GLU B 370 39.73 -25.29 11.34
C GLU B 370 39.42 -25.78 12.75
N ARG B 371 40.12 -25.28 13.77
CA ARG B 371 39.84 -25.69 15.16
C ARG B 371 38.42 -25.31 15.64
N LEU B 372 37.85 -24.26 15.03
CA LEU B 372 36.47 -23.86 15.30
C LEU B 372 35.61 -24.86 14.58
N ASP B 373 35.99 -25.12 13.34
CA ASP B 373 35.32 -26.09 12.52
C ASP B 373 35.34 -27.49 13.13
N GLU B 374 36.29 -27.76 14.04
CA GLU B 374 36.23 -28.94 14.91
C GLU B 374 35.13 -28.74 15.93
N ASN B 375 35.35 -27.75 16.79
CA ASN B 375 34.48 -27.48 17.92
C ASN B 375 32.99 -27.50 17.59
N ILE B 376 32.63 -26.87 16.47
CA ILE B 376 31.24 -26.84 16.05
C ILE B 376 30.80 -28.25 15.72
N ARG B 377 31.27 -28.79 14.60
CA ARG B 377 30.75 -30.07 14.13
C ARG B 377 30.96 -31.21 15.13
N LYS B 378 32.00 -31.15 15.96
CA LYS B 378 32.11 -32.10 17.07
C LYS B 378 30.92 -31.96 18.05
N SER B 379 30.69 -30.78 18.61
CA SER B 379 29.58 -30.59 19.57
C SER B 379 28.16 -30.76 18.98
N ARG B 380 27.97 -30.43 17.72
CA ARG B 380 26.65 -30.60 17.12
C ARG B 380 26.33 -32.07 16.86
N THR B 381 27.29 -32.86 16.36
CA THR B 381 27.02 -34.28 16.27
C THR B 381 26.90 -34.88 17.67
N ALA B 382 27.75 -34.43 18.60
CA ALA B 382 27.67 -34.84 20.01
C ALA B 382 26.27 -34.60 20.59
N ARG B 383 25.81 -33.35 20.53
CA ARG B 383 24.56 -32.96 21.17
C ARG B 383 23.34 -33.59 20.55
N GLU B 384 23.31 -33.69 19.22
CA GLU B 384 22.18 -34.28 18.50
C GLU B 384 21.96 -35.73 18.90
N ALA B 385 23.06 -36.48 18.92
CA ALA B 385 23.05 -37.87 19.32
C ALA B 385 22.60 -38.02 20.76
N ARG B 386 23.07 -37.13 21.65
CA ARG B 386 22.65 -37.18 23.03
C ARG B 386 21.18 -36.85 23.23
N TYR B 387 20.72 -35.80 22.56
CA TYR B 387 19.35 -35.32 22.75
C TYR B 387 18.31 -36.18 22.08
N LEU B 388 18.54 -36.66 20.86
CA LEU B 388 17.61 -37.62 20.28
C LEU B 388 17.51 -38.91 21.15
N ALA B 389 18.53 -39.18 21.97
CA ALA B 389 18.45 -40.28 22.95
C ALA B 389 17.61 -39.86 24.16
N LEU B 390 18.13 -38.88 24.89
CA LEU B 390 17.54 -38.34 26.11
C LEU B 390 16.04 -38.10 25.95
N VAL B 391 15.65 -37.65 24.76
CA VAL B 391 14.31 -37.13 24.53
C VAL B 391 13.23 -38.22 24.44
N LYS B 392 13.63 -39.47 24.27
CA LYS B 392 12.66 -40.59 24.34
C LYS B 392 12.16 -40.76 25.76
N ASP B 393 13.00 -40.47 26.76
CA ASP B 393 12.60 -40.57 28.16
C ASP B 393 11.43 -39.64 28.53
N PHE B 394 11.10 -38.66 27.68
CA PHE B 394 9.92 -37.83 27.93
C PHE B 394 8.73 -38.12 27.00
N GLY B 395 8.68 -39.32 26.41
CA GLY B 395 7.57 -39.68 25.52
C GLY B 395 7.60 -38.96 24.19
N ILE B 396 8.80 -38.71 23.69
CA ILE B 396 8.96 -38.02 22.43
C ILE B 396 9.59 -38.99 21.46
N PRO B 397 8.87 -39.29 20.38
CA PRO B 397 9.37 -40.12 19.33
C PRO B 397 10.60 -39.46 18.73
N ALA B 398 11.71 -40.19 18.71
CA ALA B 398 12.89 -39.72 18.01
C ALA B 398 13.51 -40.91 17.32
N PRO B 399 14.18 -40.68 16.17
CA PRO B 399 14.96 -41.76 15.56
C PRO B 399 15.94 -42.36 16.55
N TYR B 400 16.24 -43.64 16.39
CA TYR B 400 17.11 -44.36 17.31
C TYR B 400 18.58 -44.16 16.91
N ILE B 401 19.42 -43.87 17.89
CA ILE B 401 20.83 -43.64 17.59
C ILE B 401 21.63 -44.94 17.66
N PHE B 402 21.96 -45.51 16.50
CA PHE B 402 22.67 -46.78 16.43
C PHE B 402 24.18 -46.62 16.60
N ASP B 403 24.71 -45.48 16.14
CA ASP B 403 26.14 -45.21 16.22
C ASP B 403 26.40 -43.71 16.09
N VAL B 404 27.41 -43.23 16.82
CA VAL B 404 27.81 -41.84 16.80
C VAL B 404 29.33 -41.77 16.86
N ASP B 405 29.93 -41.25 15.80
CA ASP B 405 31.36 -41.37 15.60
C ASP B 405 32.00 -40.00 15.67
N LEU B 406 32.40 -39.62 16.87
CA LEU B 406 32.77 -38.23 17.08
C LEU B 406 33.88 -37.71 16.18
N ASP B 407 35.03 -38.38 16.18
CA ASP B 407 36.14 -37.91 15.34
C ASP B 407 35.81 -37.95 13.83
N ASN B 408 34.69 -38.56 13.48
CA ASN B 408 34.16 -38.49 12.12
C ASN B 408 32.91 -37.63 11.89
N LYS B 409 32.32 -37.16 12.98
CA LYS B 409 31.19 -36.25 12.92
C LYS B 409 30.01 -36.92 12.24
N ARG B 410 29.90 -38.22 12.42
CA ARG B 410 28.85 -39.01 11.79
C ARG B 410 27.86 -39.47 12.83
N ILE B 411 26.60 -39.66 12.44
CA ILE B 411 25.66 -40.38 13.30
C ILE B 411 24.91 -41.36 12.44
N MET B 412 24.68 -42.57 12.96
CA MET B 412 23.82 -43.50 12.28
C MET B 412 22.55 -43.64 13.09
N MET B 413 21.45 -43.14 12.56
CA MET B 413 20.15 -43.15 13.25
C MET B 413 19.09 -43.73 12.36
N SER B 414 17.97 -44.16 12.94
CA SER B 414 16.81 -44.60 12.18
C SER B 414 16.35 -43.57 11.13
N TYR B 415 16.13 -44.05 9.92
CA TYR B 415 15.40 -43.31 8.90
C TYR B 415 13.93 -43.43 9.22
N ILE B 416 13.27 -42.30 9.48
CA ILE B 416 11.85 -42.31 9.79
C ILE B 416 11.11 -42.13 8.49
N ASN B 417 10.46 -43.19 8.01
CA ASN B 417 9.70 -43.13 6.76
C ASN B 417 8.29 -42.64 7.06
N GLY B 418 7.93 -41.53 6.43
CA GLY B 418 6.73 -40.81 6.74
C GLY B 418 6.93 -39.46 6.13
N LYS B 419 5.85 -38.68 6.05
CA LYS B 419 5.90 -37.33 5.46
C LYS B 419 6.19 -36.29 6.52
N LEU B 420 7.11 -35.36 6.21
CA LEU B 420 7.54 -34.36 7.21
C LEU B 420 6.45 -33.35 7.55
N ALA B 421 6.61 -32.62 8.66
CA ALA B 421 5.52 -31.77 9.15
C ALA B 421 5.20 -30.63 8.18
N LYS B 422 6.22 -30.13 7.50
CA LYS B 422 6.03 -29.07 6.52
C LYS B 422 4.98 -29.42 5.47
N ASP B 423 4.88 -30.70 5.10
CA ASP B 423 4.04 -31.07 3.97
C ASP B 423 2.60 -31.38 4.31
N VAL B 424 2.28 -31.54 5.59
CA VAL B 424 0.93 -31.96 5.97
C VAL B 424 0.21 -31.12 7.03
N ILE B 425 0.91 -30.13 7.60
CA ILE B 425 0.40 -29.33 8.72
C ILE B 425 -0.71 -28.37 8.25
N GLU B 426 -0.49 -27.74 7.11
CA GLU B 426 -1.46 -26.84 6.47
C GLU B 426 -2.83 -27.51 6.34
N ASP B 427 -2.87 -28.70 5.71
CA ASP B 427 -4.09 -29.51 5.66
C ASP B 427 -4.35 -30.07 7.06
N ASN B 428 -3.80 -31.24 7.35
CA ASN B 428 -3.88 -31.90 8.67
C ASN B 428 -3.31 -31.02 9.81
N LEU B 429 -4.19 -30.37 10.54
CA LEU B 429 -3.81 -29.34 11.51
C LEU B 429 -3.39 -30.00 12.81
N ASP B 430 -3.77 -31.26 12.96
CA ASP B 430 -3.48 -32.02 14.18
C ASP B 430 -1.97 -32.09 14.39
N ILE B 431 -1.22 -31.85 13.33
CA ILE B 431 0.22 -31.97 13.45
C ILE B 431 0.81 -30.82 14.25
N ALA B 432 0.32 -29.61 14.00
CA ALA B 432 0.66 -28.43 14.82
C ALA B 432 0.49 -28.68 16.33
N TYR B 433 -0.65 -29.25 16.73
CA TYR B 433 -0.89 -29.61 18.12
C TYR B 433 0.11 -30.66 18.58
N LYS B 434 0.50 -31.53 17.64
CA LYS B 434 1.41 -32.61 17.94
C LYS B 434 2.85 -32.10 18.05
N ILE B 435 3.17 -31.01 17.35
CA ILE B 435 4.44 -30.35 17.57
C ILE B 435 4.41 -29.71 18.96
N GLY B 436 3.31 -29.03 19.25
CA GLY B 436 3.09 -28.42 20.55
C GLY B 436 3.38 -29.39 21.69
N GLU B 437 2.81 -30.58 21.60
CA GLU B 437 3.10 -31.64 22.56
C GLU B 437 4.60 -31.83 22.70
N ILE B 438 5.30 -32.20 21.63
CA ILE B 438 6.77 -32.29 21.67
C ILE B 438 7.44 -31.08 22.39
N VAL B 439 7.19 -29.85 21.93
CA VAL B 439 7.90 -28.68 22.49
C VAL B 439 7.54 -28.43 23.97
N GLY B 440 6.26 -28.59 24.28
CA GLY B 440 5.80 -28.60 25.65
C GLY B 440 6.65 -29.55 26.46
N LYS B 441 6.66 -30.82 26.04
CA LYS B 441 7.44 -31.89 26.70
C LYS B 441 8.94 -31.59 26.84
N LEU B 442 9.51 -30.97 25.81
CA LEU B 442 10.86 -30.44 25.92
C LEU B 442 10.94 -29.45 27.08
N HIS B 443 10.35 -28.27 26.91
CA HIS B 443 10.52 -27.19 27.90
C HIS B 443 10.23 -27.61 29.35
N LYS B 444 9.25 -28.49 29.49
CA LYS B 444 8.88 -29.10 30.76
C LYS B 444 10.06 -29.79 31.43
N ASN B 445 11.02 -30.27 30.63
CA ASN B 445 12.23 -30.86 31.17
C ASN B 445 13.46 -29.97 30.94
N ASP B 446 13.21 -28.67 30.79
CA ASP B 446 14.26 -27.66 30.64
C ASP B 446 15.18 -27.92 29.46
N VAL B 447 14.62 -28.52 28.41
CA VAL B 447 15.39 -28.75 27.19
C VAL B 447 14.98 -27.76 26.14
N ILE B 448 15.93 -26.97 25.70
CA ILE B 448 15.74 -26.02 24.61
C ILE B 448 16.32 -26.63 23.32
N HIS B 449 15.47 -26.80 22.30
CA HIS B 449 15.93 -27.18 20.97
C HIS B 449 16.15 -25.84 20.35
N ASN B 450 17.31 -25.56 19.78
CA ASN B 450 17.47 -24.16 19.37
C ASN B 450 17.06 -23.81 17.93
N ASP B 451 16.21 -24.64 17.34
CA ASP B 451 15.88 -24.55 15.92
C ASP B 451 14.59 -25.27 15.51
N LEU B 452 13.54 -25.08 16.33
CA LEU B 452 12.21 -25.61 16.01
C LEU B 452 11.57 -25.00 14.76
N THR B 453 11.45 -25.82 13.73
CA THR B 453 10.75 -25.41 12.50
C THR B 453 9.73 -26.48 12.16
N THR B 454 9.22 -26.46 10.94
CA THR B 454 8.27 -27.48 10.49
C THR B 454 8.96 -28.54 9.64
N SER B 455 10.19 -28.26 9.21
CA SER B 455 10.92 -29.23 8.43
C SER B 455 11.82 -30.15 9.27
N ASN B 456 11.71 -30.08 10.59
CA ASN B 456 12.38 -31.09 11.43
C ASN B 456 11.50 -31.99 12.32
N PHE B 457 10.32 -32.31 11.82
CA PHE B 457 9.46 -33.28 12.44
C PHE B 457 8.99 -34.19 11.32
N ILE B 458 8.73 -35.45 11.62
CA ILE B 458 8.23 -36.37 10.59
C ILE B 458 7.11 -37.21 11.21
N PHE B 459 5.99 -37.27 10.52
CA PHE B 459 4.90 -38.11 10.96
C PHE B 459 5.01 -39.50 10.37
N ASP B 460 5.02 -40.51 11.24
CA ASP B 460 4.86 -41.90 10.84
C ASP B 460 3.58 -42.45 11.44
N LYS B 461 3.69 -43.18 12.55
CA LYS B 461 2.47 -43.49 13.29
C LYS B 461 2.27 -42.35 14.27
N ASP B 462 3.38 -41.68 14.60
CA ASP B 462 3.38 -40.48 15.42
C ASP B 462 4.32 -39.42 14.88
N LEU B 463 4.49 -38.35 15.64
CA LEU B 463 5.35 -37.25 15.22
C LEU B 463 6.74 -37.40 15.81
N TYR B 464 7.72 -37.48 14.95
CA TYR B 464 9.10 -37.62 15.38
C TYR B 464 9.83 -36.27 15.24
N ILE B 465 10.63 -35.92 16.23
CA ILE B 465 11.60 -34.83 16.13
C ILE B 465 12.91 -35.44 15.62
N ILE B 466 13.59 -34.80 14.67
CA ILE B 466 14.61 -35.54 13.89
C ILE B 466 16.02 -34.92 13.80
N ASP B 467 16.17 -33.73 14.35
CA ASP B 467 17.48 -33.15 14.52
C ASP B 467 17.55 -32.46 15.86
N PHE B 468 18.77 -32.24 16.34
CA PHE B 468 18.94 -31.61 17.63
C PHE B 468 20.32 -31.00 17.69
N GLY B 469 20.86 -30.68 16.52
CA GLY B 469 22.22 -30.15 16.48
C GLY B 469 22.59 -29.13 17.56
N LEU B 470 21.63 -28.27 17.93
CA LEU B 470 21.92 -27.09 18.77
C LEU B 470 21.36 -27.19 20.20
N GLY B 471 20.98 -28.39 20.65
CA GLY B 471 20.24 -28.55 21.90
C GLY B 471 20.97 -28.06 23.15
N LYS B 472 20.19 -27.54 24.10
CA LYS B 472 20.68 -27.03 25.40
C LYS B 472 19.71 -27.31 26.53
N ILE B 473 20.26 -27.68 27.69
CA ILE B 473 19.49 -27.68 28.95
C ILE B 473 19.44 -26.28 29.58
N SER B 474 18.26 -25.91 30.07
CA SER B 474 18.08 -24.60 30.66
C SER B 474 16.71 -24.42 31.27
N ASN B 475 16.69 -24.03 32.55
CA ASN B 475 15.44 -23.67 33.22
C ASN B 475 15.00 -22.22 32.97
N LEU B 476 15.93 -21.39 32.51
CA LEU B 476 15.61 -20.01 32.16
C LEU B 476 14.40 -19.94 31.27
N ASP B 477 13.40 -19.17 31.68
CA ASP B 477 12.21 -18.98 30.86
C ASP B 477 12.48 -18.16 29.58
N GLU B 478 13.50 -17.30 29.64
CA GLU B 478 13.93 -16.53 28.47
C GLU B 478 14.26 -17.49 27.32
N ASP B 479 15.05 -18.52 27.63
CA ASP B 479 15.45 -19.55 26.67
C ASP B 479 14.25 -20.28 26.04
N LYS B 480 13.24 -20.54 26.86
CA LYS B 480 12.03 -21.21 26.39
C LYS B 480 11.15 -20.29 25.56
N ALA B 481 11.21 -18.99 25.85
CA ALA B 481 10.42 -18.02 25.12
C ALA B 481 11.02 -17.77 23.74
N VAL B 482 12.36 -17.65 23.67
CA VAL B 482 12.99 -17.45 22.37
C VAL B 482 12.86 -18.73 21.56
N ASP B 483 12.53 -19.83 22.22
CA ASP B 483 12.36 -21.07 21.48
C ASP B 483 11.05 -20.98 20.74
N LEU B 484 9.97 -20.91 21.51
CA LEU B 484 8.66 -20.70 20.92
C LEU B 484 8.71 -19.65 19.81
N ILE B 485 9.53 -18.62 20.01
CA ILE B 485 9.70 -17.59 18.99
C ILE B 485 10.33 -18.13 17.69
N VAL B 486 11.46 -18.83 17.76
CA VAL B 486 12.07 -19.34 16.51
C VAL B 486 11.04 -20.15 15.72
N PHE B 487 10.17 -20.87 16.43
CA PHE B 487 9.04 -21.48 15.78
C PHE B 487 8.14 -20.42 15.17
N LYS B 488 7.66 -19.46 15.97
CA LYS B 488 6.74 -18.42 15.49
C LYS B 488 7.23 -17.82 14.17
N LYS B 489 8.43 -17.27 14.19
CA LYS B 489 9.07 -16.78 12.97
C LYS B 489 9.02 -17.80 11.81
N ALA B 490 9.42 -19.04 12.08
CA ALA B 490 9.49 -20.06 11.03
C ALA B 490 8.13 -20.41 10.43
N VAL B 491 7.13 -20.67 11.28
CA VAL B 491 5.76 -20.93 10.76
C VAL B 491 5.31 -19.77 9.88
N LEU B 492 5.70 -18.57 10.25
CA LEU B 492 5.31 -17.35 9.58
C LEU B 492 6.06 -17.14 8.28
N SER B 493 7.20 -17.81 8.12
CA SER B 493 8.04 -17.61 6.94
C SER B 493 7.78 -18.63 5.86
N THR B 494 7.31 -19.81 6.25
CA THR B 494 7.14 -20.90 5.31
C THR B 494 5.73 -21.44 5.27
N HIS B 495 4.84 -20.86 6.09
CA HIS B 495 3.42 -21.20 6.04
C HIS B 495 2.61 -19.94 6.35
N HIS B 496 3.04 -18.82 5.75
CA HIS B 496 2.44 -17.51 6.01
C HIS B 496 0.92 -17.55 5.84
N GLU B 497 0.52 -17.95 4.63
CA GLU B 497 -0.88 -18.18 4.20
C GLU B 497 -1.82 -18.64 5.34
N LYS B 498 -1.46 -19.71 6.05
CA LYS B 498 -2.33 -20.32 7.06
C LYS B 498 -1.77 -20.29 8.49
N PHE B 499 -0.88 -19.32 8.75
CA PHE B 499 -0.26 -19.18 10.06
C PHE B 499 -1.24 -19.38 11.22
N ASP B 500 -2.04 -18.36 11.49
CA ASP B 500 -2.92 -18.28 12.66
C ASP B 500 -3.35 -19.58 13.33
N GLU B 501 -4.00 -20.48 12.58
CA GLU B 501 -4.56 -21.72 13.18
C GLU B 501 -3.50 -22.82 13.43
N ILE B 502 -2.38 -22.74 12.71
CA ILE B 502 -1.24 -23.55 13.03
C ILE B 502 -0.76 -23.09 14.41
N TRP B 503 -0.57 -21.78 14.53
CA TRP B 503 -0.02 -21.21 15.73
C TRP B 503 -0.95 -21.45 16.93
N GLU B 504 -2.25 -21.27 16.76
CA GLU B 504 -3.19 -21.56 17.83
C GLU B 504 -3.14 -23.03 18.23
N ARG B 505 -3.15 -23.93 17.24
CA ARG B 505 -3.13 -25.35 17.51
C ARG B 505 -1.83 -25.77 18.18
N PHE B 506 -0.73 -25.18 17.73
CA PHE B 506 0.54 -25.39 18.40
C PHE B 506 0.42 -25.07 19.89
N LEU B 507 -0.04 -23.86 20.21
CA LEU B 507 -0.19 -23.44 21.59
C LEU B 507 -1.10 -24.35 22.39
N GLU B 508 -2.08 -24.95 21.72
CA GLU B 508 -2.95 -25.94 22.34
C GLU B 508 -2.19 -27.21 22.75
N GLY B 509 -1.22 -27.60 21.93
CA GLY B 509 -0.39 -28.75 22.25
C GLY B 509 0.51 -28.41 23.42
N TYR B 510 1.21 -27.29 23.27
CA TYR B 510 1.95 -26.73 24.35
C TYR B 510 1.15 -26.70 25.67
N LYS B 511 -0.01 -26.03 25.70
CA LYS B 511 -0.81 -25.87 26.93
C LYS B 511 -1.10 -27.22 27.58
N SER B 512 -1.37 -28.22 26.73
CA SER B 512 -1.84 -29.51 27.22
C SER B 512 -0.77 -30.26 27.98
N VAL B 513 0.48 -29.90 27.77
CA VAL B 513 1.60 -30.64 28.34
C VAL B 513 2.44 -29.89 29.39
N TYR B 514 2.52 -28.56 29.32
CA TYR B 514 3.34 -27.80 30.29
C TYR B 514 2.57 -26.94 31.30
N ASP B 515 2.66 -27.32 32.58
CA ASP B 515 2.20 -26.51 33.73
C ASP B 515 2.32 -24.97 33.55
N ARG B 516 3.41 -24.50 32.95
CA ARG B 516 3.79 -23.11 33.00
C ARG B 516 3.72 -22.41 31.65
N TRP B 517 2.83 -22.88 30.80
CA TRP B 517 2.60 -22.31 29.48
C TRP B 517 2.41 -20.78 29.56
N GLU B 518 1.58 -20.37 30.51
CA GLU B 518 1.23 -18.96 30.78
C GLU B 518 2.46 -18.04 30.86
N ILE B 519 3.36 -18.39 31.78
CA ILE B 519 4.52 -17.57 32.11
C ILE B 519 5.41 -17.44 30.87
N ILE B 520 5.37 -18.41 29.99
CA ILE B 520 6.24 -18.37 28.85
C ILE B 520 5.63 -17.54 27.72
N LEU B 521 4.32 -17.69 27.54
CA LEU B 521 3.56 -16.85 26.59
C LEU B 521 3.77 -15.35 26.86
N GLU B 522 3.71 -14.95 28.13
CA GLU B 522 3.90 -13.56 28.51
C GLU B 522 5.32 -13.15 28.20
N LEU B 523 6.31 -13.85 28.76
CA LEU B 523 7.69 -13.52 28.47
C LEU B 523 7.86 -13.39 26.96
N MET B 524 7.17 -14.23 26.21
CA MET B 524 7.25 -14.22 24.74
C MET B 524 6.87 -12.84 24.15
N LYS B 525 5.71 -12.32 24.56
CA LYS B 525 5.27 -10.98 24.19
C LYS B 525 6.26 -9.94 24.66
N ASP B 526 6.84 -10.16 25.84
CA ASP B 526 7.85 -9.25 26.37
C ASP B 526 9.08 -9.19 25.49
N VAL B 527 9.58 -10.36 25.06
CA VAL B 527 10.75 -10.43 24.20
C VAL B 527 10.40 -9.86 22.85
N GLU B 528 9.14 -10.06 22.45
CA GLU B 528 8.61 -9.43 21.24
C GLU B 528 8.55 -7.91 21.35
N ARG B 529 8.10 -7.39 22.50
CA ARG B 529 8.10 -5.92 22.73
C ARG B 529 9.51 -5.34 22.78
N ARG B 530 10.44 -6.07 23.37
CA ARG B 530 11.83 -5.63 23.44
C ARG B 530 12.60 -5.77 22.12
N ALA B 531 11.94 -6.27 21.08
CA ALA B 531 12.61 -6.53 19.79
C ALA B 531 11.88 -5.99 18.54
N ARG B 532 10.56 -6.19 18.49
CA ARG B 532 9.62 -5.67 17.45
C ARG B 532 9.12 -6.73 16.45
#